data_9HCO
#
_entry.id   9HCO
#
_cell.length_a   1.00
_cell.length_b   1.00
_cell.length_c   1.00
_cell.angle_alpha   90.00
_cell.angle_beta   90.00
_cell.angle_gamma   90.00
#
_symmetry.space_group_name_H-M   'P 1'
#
loop_
_entity.id
_entity.type
_entity.pdbx_description
1 polymer 'Sodium-dependent serotonin transporter'
2 polymer '15B8 Fab heavy chain'
3 polymer '15B8 Fab light chain'
4 non-polymer 5-{4-[4-(5-cyano-1H-indol-3-yl)butyl]piperazin-1-yl}-1-benzofuran-2-carboxamide
5 non-polymer 'SODIUM ION'
6 non-polymer 'CHLORIDE ION'
7 water water
#
loop_
_entity_poly.entity_id
_entity_poly.type
_entity_poly.pdbx_seq_one_letter_code
_entity_poly.pdbx_strand_id
1 'polypeptide(L)'
;METTPLNSQKQLSACEDGEDCQENGVLQKVVPTPGDKVESGQISNGYSAVPSPGAGDDTRHSIPATTTTLVAELHQGERE
TWGKKVDFLLSVIGYAVDLGNVWRFPYICYQNGGGAFLLPYTIMAIFGGIPLFYMELALGQYHRNGCISIWRKICPIFKG
IGYAICIIAFYIASYYNTIMAWALYYLISSFTDQLPWTSCKNSWNTGNCTNYFSEDNITWTLHSTSPAEEFYTRHVLQIH
RSKGLQDLGGISWQLALCIMLIFTVIYFSIWKGVKTSGKVVWVTATFPYIILSVLLVRGATLPGAWRGVLFYLKPNWQKL
LETGVWIDAAAQIFFSLGPGFGVLLAFASYNKFNNNCYQDALVTSVVNCMTSFVSGFVIFTVLGYMAEMRNEDVSEVAKD
AGPSLLFITYAEAIANMPASTFFAIIFFLMLITLGLDSTFAGLEGVITAVLDEFPHVWAKRRERFVLAVVITCFFGSLVT
LTFGGAYVVKLLEEYATGPAVLTVALIEAVAVSWFYGITQFCRDVKEMLGFSPGWFWRICWVAISPLFLLFIICSFLMSP
PQLRLFQYNYPYWSIILGYCIGTSSFICIPTYIAYRLIITPGTFKERIIKSITPETPTEIPCGDIRLNAVGGSLVPRGSG
GSWSHPQFEKGGGSGGGSGGSAWSHPQFEKGGSHHHHHHHHHHHH
;
A
2 'polypeptide(L)'
;QVQLQQSGPELVKLGASVRISCKASGYRFSYSWMNWVKQRPGKGLEWIGRIYPGDGDTKYSGKFKGKATLTADKSSSTVY
MQLSSLTSEDSAVYFCARSAYGSEGFAMDYWGQGTSVTVSSAKTTAPSVFPLAPVCGDTTGSSVTLGCLVKGYFPEPVTL
TWNSGSLSSGVHTFPAVLQSGLYTLSSSVTVTSSTWPSQSITCNVAHPASSTKVDKKLVPRGSHHHHHH
;
H
3 'polypeptide(L)'
;DIVLTQSPASLAVSLGQRATISCRASESVDNYGISFLNWFQQKPGQPPKLLIYAASNQGSGVPARFSGSGSGTYFSLNIH
PMEEDDTAVYFCQQTKGVSWTFGGGTKVEIKRADAAPTVSVFPPSSEQLTSGGASVVCFLNNFYPRDINVKWKIDGSERQ
NGVLNSWTDQDSKDSTYSMSSTLTLTKDEYERHNSYTCEATHKTSTSPIVKSFNRG
;
L
#
# COMPACT_ATOMS: atom_id res chain seq x y z
N GLY A 77 -25.58 5.57 -36.13
CA GLY A 77 -24.26 5.01 -35.90
C GLY A 77 -23.20 6.08 -35.72
N GLU A 78 -23.53 7.12 -34.95
CA GLU A 78 -22.63 8.22 -34.69
C GLU A 78 -21.90 8.00 -33.37
N ARG A 79 -20.67 8.51 -33.30
CA ARG A 79 -19.91 8.43 -32.07
C ARG A 79 -20.54 9.29 -30.99
N GLU A 80 -20.36 8.88 -29.74
CA GLU A 80 -20.90 9.60 -28.58
C GLU A 80 -19.90 10.70 -28.22
N THR A 81 -20.04 11.85 -28.86
CA THR A 81 -19.13 12.96 -28.60
C THR A 81 -19.22 13.39 -27.14
N TRP A 82 -18.16 14.05 -26.68
CA TRP A 82 -18.16 14.59 -25.32
C TRP A 82 -19.30 15.59 -25.16
N GLY A 83 -19.92 15.59 -23.99
CA GLY A 83 -20.94 16.59 -23.71
C GLY A 83 -20.41 18.00 -23.82
N LYS A 84 -19.21 18.24 -23.32
CA LYS A 84 -18.55 19.54 -23.40
C LYS A 84 -17.07 19.33 -23.61
N LYS A 85 -16.39 20.38 -24.06
CA LYS A 85 -14.93 20.33 -24.16
C LYS A 85 -14.29 20.14 -22.79
N VAL A 86 -14.89 20.72 -21.75
CA VAL A 86 -14.36 20.55 -20.40
C VAL A 86 -14.36 19.08 -20.01
N ASP A 87 -15.35 18.31 -20.49
CA ASP A 87 -15.35 16.88 -20.21
C ASP A 87 -14.06 16.24 -20.69
N PHE A 88 -13.71 16.47 -21.96
CA PHE A 88 -12.50 15.88 -22.52
C PHE A 88 -11.26 16.39 -21.81
N LEU A 89 -11.19 17.70 -21.55
CA LEU A 89 -10.01 18.26 -20.91
C LEU A 89 -9.80 17.65 -19.53
N LEU A 90 -10.86 17.62 -18.73
CA LEU A 90 -10.76 17.08 -17.37
C LEU A 90 -10.43 15.60 -17.41
N SER A 91 -11.02 14.85 -18.34
CA SER A 91 -10.70 13.44 -18.45
C SER A 91 -9.23 13.23 -18.75
N VAL A 92 -8.69 14.01 -19.68
CA VAL A 92 -7.28 13.83 -20.06
C VAL A 92 -6.36 14.22 -18.91
N ILE A 93 -6.67 15.32 -18.21
CA ILE A 93 -5.79 15.72 -17.11
C ILE A 93 -5.89 14.73 -15.96
N GLY A 94 -7.09 14.20 -15.71
CA GLY A 94 -7.23 13.18 -14.68
C GLY A 94 -6.45 11.92 -15.03
N TYR A 95 -6.45 11.54 -16.31
CA TYR A 95 -5.63 10.41 -16.73
C TYR A 95 -4.15 10.70 -16.52
N ALA A 96 -3.68 11.86 -16.95
CA ALA A 96 -2.26 12.15 -16.93
C ALA A 96 -1.72 12.18 -15.51
N VAL A 97 -2.42 12.88 -14.61
CA VAL A 97 -1.98 13.02 -13.23
C VAL A 97 -2.48 11.81 -12.44
N ASP A 98 -1.55 11.01 -11.92
CA ASP A 98 -1.87 9.77 -11.24
C ASP A 98 -1.00 9.66 -9.99
N LEU A 99 -1.09 8.50 -9.32
CA LEU A 99 -0.32 8.30 -8.11
C LEU A 99 1.18 8.39 -8.36
N GLY A 100 1.62 8.16 -9.59
CA GLY A 100 3.03 8.36 -9.90
C GLY A 100 3.47 9.79 -9.68
N ASN A 101 2.64 10.76 -10.07
CA ASN A 101 2.99 12.15 -9.87
C ASN A 101 3.29 12.46 -8.41
N VAL A 102 2.64 11.75 -7.47
CA VAL A 102 2.73 12.07 -6.02
C VAL A 102 4.03 11.53 -5.43
N TRP A 103 4.36 10.23 -5.57
CA TRP A 103 5.57 9.63 -4.93
C TRP A 103 6.75 9.59 -5.92
N ARG A 104 6.55 9.35 -7.23
CA ARG A 104 7.65 9.15 -8.16
C ARG A 104 8.35 10.47 -8.47
N PHE A 105 7.59 11.55 -8.67
CA PHE A 105 8.21 12.78 -9.18
C PHE A 105 9.15 13.41 -8.17
N PRO A 106 8.71 13.74 -6.94
CA PRO A 106 9.68 14.30 -5.98
C PRO A 106 10.84 13.37 -5.68
N TYR A 107 10.57 12.07 -5.62
CA TYR A 107 11.61 11.07 -5.39
C TYR A 107 12.70 11.20 -6.44
N ILE A 108 12.33 11.02 -7.71
CA ILE A 108 13.29 11.10 -8.81
C ILE A 108 13.82 12.52 -8.96
N CYS A 109 13.10 13.52 -8.47
CA CYS A 109 13.55 14.90 -8.60
C CYS A 109 14.74 15.17 -7.70
N TYR A 110 14.70 14.74 -6.43
CA TYR A 110 15.82 14.99 -5.46
C TYR A 110 16.96 14.00 -5.76
N GLN A 111 16.65 12.77 -6.20
CA GLN A 111 17.67 11.71 -6.45
C GLN A 111 18.62 12.15 -7.58
N ASN A 112 18.16 13.09 -8.45
CA ASN A 112 18.89 13.47 -9.69
C ASN A 112 19.05 14.98 -9.85
N GLY A 113 19.29 15.77 -8.79
CA GLY A 113 19.61 17.21 -8.92
C GLY A 113 18.77 18.12 -8.04
N GLY A 114 17.45 18.06 -8.14
CA GLY A 114 16.54 18.96 -7.42
C GLY A 114 16.00 19.97 -8.41
N GLY A 115 16.53 21.20 -8.43
CA GLY A 115 16.14 22.21 -9.44
C GLY A 115 16.94 21.98 -10.71
N ALA A 116 18.02 21.21 -10.62
CA ALA A 116 18.86 20.84 -11.79
C ALA A 116 18.16 19.71 -12.54
N PHE A 117 17.24 18.97 -11.88
CA PHE A 117 16.43 17.91 -12.53
C PHE A 117 15.29 18.57 -13.32
N LEU A 118 15.00 19.86 -13.10
CA LEU A 118 13.88 20.58 -13.79
C LEU A 118 14.34 21.05 -15.18
N LEU A 119 15.66 21.16 -15.44
CA LEU A 119 16.21 21.52 -16.78
C LEU A 119 16.06 20.32 -17.74
N PRO A 120 16.51 19.09 -17.41
CA PRO A 120 16.27 17.90 -18.25
C PRO A 120 14.80 17.51 -18.31
N TYR A 121 14.06 17.68 -17.22
CA TYR A 121 12.64 17.34 -17.24
C TYR A 121 11.91 18.13 -18.31
N THR A 122 12.07 19.46 -18.31
CA THR A 122 11.38 20.29 -19.27
C THR A 122 11.92 20.11 -20.69
N ILE A 123 13.23 19.85 -20.83
CA ILE A 123 13.77 19.61 -22.16
C ILE A 123 13.15 18.36 -22.76
N MET A 124 13.09 17.29 -21.98
CA MET A 124 12.48 16.05 -22.46
C MET A 124 10.99 16.25 -22.73
N ALA A 125 10.31 17.03 -21.89
CA ALA A 125 8.91 17.32 -22.14
C ALA A 125 8.74 18.01 -23.49
N ILE A 126 9.52 19.07 -23.74
CA ILE A 126 9.35 19.84 -24.96
C ILE A 126 9.67 19.00 -26.18
N PHE A 127 10.74 18.19 -26.11
CA PHE A 127 11.23 17.53 -27.31
C PHE A 127 10.62 16.16 -27.58
N GLY A 128 10.22 15.42 -26.55
CA GLY A 128 9.70 14.09 -26.75
C GLY A 128 8.32 13.85 -26.17
N GLY A 129 7.94 14.63 -25.15
CA GLY A 129 6.68 14.42 -24.48
C GLY A 129 5.49 15.04 -25.20
N ILE A 130 5.53 16.36 -25.38
CA ILE A 130 4.43 17.05 -26.06
C ILE A 130 4.24 16.51 -27.47
N PRO A 131 5.29 16.27 -28.26
CA PRO A 131 5.06 15.74 -29.62
C PRO A 131 4.22 14.47 -29.66
N LEU A 132 4.53 13.47 -28.83
CA LEU A 132 3.77 12.23 -28.87
C LEU A 132 2.33 12.46 -28.40
N PHE A 133 2.16 13.20 -27.31
CA PHE A 133 0.84 13.52 -26.79
C PHE A 133 -0.02 14.15 -27.88
N TYR A 134 0.49 15.21 -28.49
CA TYR A 134 -0.26 15.93 -29.52
C TYR A 134 -0.49 15.06 -30.75
N MET A 135 0.53 14.29 -31.16
CA MET A 135 0.40 13.46 -32.35
C MET A 135 -0.73 12.46 -32.18
N GLU A 136 -0.75 11.74 -31.06
CA GLU A 136 -1.76 10.70 -30.92
C GLU A 136 -3.13 11.29 -30.59
N LEU A 137 -3.19 12.45 -29.93
CA LEU A 137 -4.48 13.11 -29.77
C LEU A 137 -5.06 13.49 -31.13
N ALA A 138 -4.25 14.09 -31.99
CA ALA A 138 -4.72 14.45 -33.33
C ALA A 138 -5.09 13.21 -34.13
N LEU A 139 -4.28 12.14 -34.02
CA LEU A 139 -4.57 10.91 -34.73
C LEU A 139 -5.92 10.34 -34.33
N GLY A 140 -6.18 10.26 -33.01
CA GLY A 140 -7.44 9.73 -32.55
C GLY A 140 -8.61 10.62 -32.95
N GLN A 141 -8.41 11.94 -32.94
CA GLN A 141 -9.49 12.84 -33.32
C GLN A 141 -9.81 12.74 -34.81
N TYR A 142 -8.79 12.54 -35.64
CA TYR A 142 -9.02 12.46 -37.09
C TYR A 142 -9.62 11.10 -37.47
N HIS A 143 -8.91 10.02 -37.17
CA HIS A 143 -9.38 8.70 -37.58
C HIS A 143 -10.52 8.20 -36.71
N ARG A 144 -10.54 8.59 -35.45
CA ARG A 144 -11.61 8.29 -34.51
C ARG A 144 -12.07 6.83 -34.62
N ASN A 145 -11.13 5.93 -34.35
CA ASN A 145 -11.42 4.50 -34.40
C ASN A 145 -10.77 3.73 -33.25
N GLY A 146 -10.38 4.40 -32.18
CA GLY A 146 -9.80 3.70 -31.05
C GLY A 146 -8.34 3.35 -31.28
N CYS A 147 -7.94 2.13 -30.88
CA CYS A 147 -6.55 1.71 -30.95
C CYS A 147 -6.34 0.51 -31.85
N ILE A 148 -7.15 -0.54 -31.70
CA ILE A 148 -6.96 -1.75 -32.50
C ILE A 148 -7.25 -1.48 -33.97
N SER A 149 -8.38 -0.83 -34.26
CA SER A 149 -8.85 -0.67 -35.63
C SER A 149 -8.39 0.61 -36.29
N ILE A 150 -7.72 1.51 -35.56
CA ILE A 150 -7.24 2.74 -36.18
C ILE A 150 -6.10 2.46 -37.15
N TRP A 151 -5.41 1.33 -37.00
CA TRP A 151 -4.31 1.00 -37.90
C TRP A 151 -4.77 0.52 -39.26
N ARG A 152 -6.06 0.24 -39.43
CA ARG A 152 -6.60 -0.04 -40.75
C ARG A 152 -6.56 1.19 -41.66
N LYS A 153 -6.41 2.39 -41.09
CA LYS A 153 -6.32 3.62 -41.85
C LYS A 153 -4.94 4.27 -41.78
N ILE A 154 -3.98 3.64 -41.09
CA ILE A 154 -2.64 4.20 -40.97
C ILE A 154 -1.64 3.20 -41.53
N CYS A 155 -1.56 2.02 -40.92
CA CYS A 155 -0.67 0.96 -41.36
C CYS A 155 -1.24 -0.38 -40.89
N PRO A 156 -1.93 -1.12 -41.75
CA PRO A 156 -2.63 -2.33 -41.27
C PRO A 156 -1.73 -3.35 -40.59
N ILE A 157 -0.47 -3.47 -41.00
CA ILE A 157 0.39 -4.53 -40.48
C ILE A 157 0.59 -4.38 -38.98
N PHE A 158 0.47 -3.15 -38.45
CA PHE A 158 0.74 -2.87 -37.06
C PHE A 158 -0.50 -2.92 -36.18
N LYS A 159 -1.50 -3.74 -36.55
CA LYS A 159 -2.70 -3.86 -35.74
C LYS A 159 -2.44 -4.53 -34.40
N GLY A 160 -1.31 -5.23 -34.25
CA GLY A 160 -0.99 -5.88 -32.99
C GLY A 160 -0.72 -4.93 -31.84
N ILE A 161 -0.55 -3.64 -32.12
CA ILE A 161 -0.36 -2.65 -31.06
C ILE A 161 -1.56 -2.63 -30.14
N GLY A 162 -2.76 -2.77 -30.69
CA GLY A 162 -3.95 -2.76 -29.86
C GLY A 162 -3.98 -3.93 -28.87
N TYR A 163 -3.64 -5.13 -29.34
CA TYR A 163 -3.65 -6.28 -28.45
C TYR A 163 -2.52 -6.19 -27.43
N ALA A 164 -1.36 -5.67 -27.83
CA ALA A 164 -0.30 -5.43 -26.85
C ALA A 164 -0.77 -4.45 -25.78
N ILE A 165 -1.46 -3.39 -26.18
CA ILE A 165 -1.97 -2.43 -25.22
C ILE A 165 -3.01 -3.07 -24.32
N CYS A 166 -3.82 -3.98 -24.87
CA CYS A 166 -4.80 -4.69 -24.04
C CYS A 166 -4.11 -5.51 -22.96
N ILE A 167 -3.03 -6.21 -23.31
CA ILE A 167 -2.32 -7.01 -22.31
C ILE A 167 -1.68 -6.11 -21.26
N ILE A 168 -1.06 -5.00 -21.71
CA ILE A 168 -0.47 -4.06 -20.77
C ILE A 168 -1.54 -3.52 -19.83
N ALA A 169 -2.73 -3.24 -20.37
CA ALA A 169 -3.83 -2.76 -19.54
C ALA A 169 -4.25 -3.81 -18.54
N PHE A 170 -4.23 -5.08 -18.94
CA PHE A 170 -4.56 -6.14 -17.99
C PHE A 170 -3.61 -6.12 -16.81
N TYR A 171 -2.30 -6.02 -17.07
CA TYR A 171 -1.33 -5.99 -15.97
C TYR A 171 -1.50 -4.74 -15.10
N ILE A 172 -1.70 -3.58 -15.73
CA ILE A 172 -1.85 -2.35 -14.97
C ILE A 172 -3.11 -2.41 -14.12
N ALA A 173 -4.18 -3.01 -14.64
CA ALA A 173 -5.36 -3.20 -13.82
C ALA A 173 -5.10 -4.19 -12.70
N SER A 174 -4.20 -5.15 -12.91
CA SER A 174 -3.86 -6.09 -11.85
C SER A 174 -3.25 -5.37 -10.66
N TYR A 175 -2.34 -4.42 -10.89
CA TYR A 175 -1.61 -3.83 -9.75
C TYR A 175 -2.12 -2.46 -9.30
N TYR A 176 -2.55 -1.61 -10.23
CA TYR A 176 -2.95 -0.25 -9.90
C TYR A 176 -4.15 -0.24 -8.95
N ASN A 177 -5.16 -1.07 -9.23
CA ASN A 177 -6.34 -1.09 -8.38
C ASN A 177 -6.04 -1.69 -7.02
N THR A 178 -5.03 -2.56 -6.91
CA THR A 178 -4.61 -3.02 -5.60
C THR A 178 -3.99 -1.88 -4.80
N ILE A 179 -3.19 -1.05 -5.45
CA ILE A 179 -2.66 0.12 -4.76
C ILE A 179 -3.79 1.03 -4.29
N MET A 180 -4.78 1.25 -5.16
CA MET A 180 -5.94 2.05 -4.78
C MET A 180 -6.71 1.40 -3.64
N ALA A 181 -6.74 0.07 -3.59
CA ALA A 181 -7.39 -0.62 -2.49
C ALA A 181 -6.65 -0.39 -1.18
N TRP A 182 -5.32 -0.37 -1.23
CA TRP A 182 -4.55 0.00 -0.04
C TRP A 182 -4.93 1.40 0.43
N ALA A 183 -5.02 2.34 -0.52
CA ALA A 183 -5.39 3.71 -0.15
C ALA A 183 -6.79 3.74 0.47
N LEU A 184 -7.73 2.99 -0.10
CA LEU A 184 -9.08 2.95 0.45
C LEU A 184 -9.10 2.33 1.84
N TYR A 185 -8.29 1.30 2.06
CA TYR A 185 -8.21 0.70 3.39
C TYR A 185 -7.69 1.70 4.40
N TYR A 186 -6.66 2.46 4.04
CA TYR A 186 -6.17 3.50 4.94
C TYR A 186 -7.25 4.53 5.21
N LEU A 187 -7.98 4.96 4.18
CA LEU A 187 -9.04 5.94 4.36
C LEU A 187 -10.11 5.42 5.31
N ILE A 188 -10.51 4.15 5.15
CA ILE A 188 -11.53 3.58 6.02
C ILE A 188 -11.02 3.50 7.45
N SER A 189 -9.77 3.07 7.64
CA SER A 189 -9.22 2.94 8.98
C SER A 189 -8.90 4.28 9.61
N SER A 190 -8.92 5.38 8.85
CA SER A 190 -8.62 6.70 9.37
C SER A 190 -9.88 7.46 9.77
N PHE A 191 -10.92 6.76 10.21
CA PHE A 191 -12.15 7.38 10.69
C PHE A 191 -12.29 7.32 12.20
N THR A 192 -11.18 7.10 12.91
CA THR A 192 -11.17 7.01 14.37
C THR A 192 -10.60 8.29 14.97
N ASP A 193 -10.98 8.55 16.22
CA ASP A 193 -10.47 9.72 16.92
C ASP A 193 -8.95 9.67 17.04
N GLN A 194 -8.37 8.48 17.19
CA GLN A 194 -6.93 8.29 17.25
C GLN A 194 -6.53 7.37 16.11
N LEU A 195 -5.65 7.85 15.23
CA LEU A 195 -5.28 7.06 14.07
C LEU A 195 -4.51 5.82 14.51
N PRO A 196 -4.71 4.68 13.85
CA PRO A 196 -4.11 3.42 14.31
C PRO A 196 -2.63 3.27 14.01
N TRP A 197 -1.99 4.24 13.37
CA TRP A 197 -0.56 4.18 13.07
C TRP A 197 0.22 5.22 13.86
N THR A 198 -0.21 5.50 15.09
CA THR A 198 0.43 6.49 15.94
C THR A 198 1.29 5.87 17.03
N SER A 199 0.85 4.75 17.62
CA SER A 199 1.55 4.10 18.70
C SER A 199 1.88 2.66 18.35
N CYS A 200 2.79 2.07 19.13
CA CYS A 200 3.14 0.66 19.01
C CYS A 200 2.36 -0.21 19.98
N LYS A 201 1.35 0.36 20.65
CA LYS A 201 0.52 -0.41 21.57
C LYS A 201 -0.33 -1.45 20.87
N ASN A 202 -0.44 -1.40 19.55
CA ASN A 202 -1.35 -2.28 18.84
C ASN A 202 -0.81 -3.70 18.80
N SER A 203 -1.67 -4.62 18.35
CA SER A 203 -1.38 -6.04 18.40
C SER A 203 -0.58 -6.53 17.20
N TRP A 204 -0.31 -5.66 16.22
CA TRP A 204 0.54 -6.04 15.10
C TRP A 204 1.98 -5.59 15.27
N ASN A 205 2.23 -4.58 16.08
CA ASN A 205 3.59 -4.05 16.23
C ASN A 205 4.49 -5.09 16.87
N THR A 206 5.79 -5.00 16.55
CA THR A 206 6.80 -5.91 17.06
C THR A 206 7.60 -5.20 18.15
N GLY A 207 8.64 -5.88 18.63
CA GLY A 207 9.50 -5.31 19.65
C GLY A 207 10.54 -4.34 19.14
N ASN A 208 10.64 -4.15 17.83
CA ASN A 208 11.53 -3.17 17.24
C ASN A 208 10.89 -1.79 17.14
N CYS A 209 9.62 -1.66 17.50
CA CYS A 209 8.91 -0.41 17.32
C CYS A 209 9.43 0.67 18.27
N THR A 210 9.54 1.88 17.75
CA THR A 210 9.83 3.06 18.55
C THR A 210 9.13 4.25 17.91
N ASN A 211 8.66 5.16 18.76
CA ASN A 211 7.97 6.35 18.25
C ASN A 211 8.89 7.14 17.33
N TYR A 212 8.37 7.51 16.17
CA TYR A 212 9.20 8.17 15.16
C TYR A 212 9.62 9.56 15.60
N PHE A 213 8.72 10.31 16.24
CA PHE A 213 8.96 11.70 16.60
C PHE A 213 9.34 11.89 18.07
N SER A 214 9.41 10.82 18.86
CA SER A 214 9.71 10.97 20.26
C SER A 214 11.11 11.57 20.45
N GLU A 215 11.39 11.96 21.69
CA GLU A 215 12.66 12.58 22.01
C GLU A 215 13.82 11.63 21.72
N ASP A 216 15.04 12.16 21.82
CA ASP A 216 16.24 11.37 21.60
C ASP A 216 16.42 10.29 22.66
N ASN A 217 15.65 10.34 23.75
CA ASN A 217 15.76 9.32 24.78
C ASN A 217 15.66 7.91 24.18
N ILE A 218 14.77 7.72 23.23
CA ILE A 218 14.62 6.46 22.52
C ILE A 218 15.37 6.59 21.20
N THR A 219 16.64 6.15 21.19
CA THR A 219 17.42 6.20 19.98
C THR A 219 16.87 5.21 18.95
N TRP A 220 17.23 5.44 17.68
CA TRP A 220 16.78 4.62 16.58
C TRP A 220 17.66 3.39 16.36
N THR A 221 18.66 3.18 17.22
CA THR A 221 19.59 2.06 17.08
C THR A 221 20.00 1.90 15.62
N LEU A 222 20.07 0.67 15.13
CA LEU A 222 20.39 0.40 13.73
C LEU A 222 19.27 -0.28 12.97
N HIS A 223 18.28 -0.84 13.66
CA HIS A 223 17.20 -1.58 13.00
C HIS A 223 15.85 -1.30 13.65
N SER A 224 15.67 -0.10 14.20
CA SER A 224 14.38 0.26 14.78
C SER A 224 13.35 0.52 13.68
N THR A 225 12.09 0.38 14.04
CA THR A 225 10.96 0.55 13.12
C THR A 225 10.04 1.63 13.67
N SER A 226 9.13 2.09 12.82
CA SER A 226 8.17 3.13 13.20
C SER A 226 6.75 2.58 13.22
N PRO A 227 5.86 3.16 14.01
CA PRO A 227 4.49 2.62 14.09
C PRO A 227 3.80 2.52 12.73
N ALA A 228 3.99 3.52 11.86
CA ALA A 228 3.30 3.50 10.57
C ALA A 228 3.85 2.44 9.64
N GLU A 229 5.15 2.19 9.66
CA GLU A 229 5.68 1.16 8.77
C GLU A 229 5.12 -0.20 9.17
N GLU A 230 5.01 -0.48 10.46
CA GLU A 230 4.40 -1.74 10.89
C GLU A 230 2.91 -1.77 10.62
N PHE A 231 2.22 -0.63 10.74
CA PHE A 231 0.82 -0.60 10.33
C PHE A 231 0.67 -0.95 8.86
N TYR A 232 1.60 -0.48 8.02
CA TYR A 232 1.52 -0.72 6.59
C TYR A 232 1.93 -2.15 6.24
N THR A 233 2.94 -2.70 6.91
CA THR A 233 3.55 -3.96 6.50
C THR A 233 3.06 -5.17 7.29
N ARG A 234 2.32 -4.97 8.38
CA ARG A 234 1.85 -6.06 9.22
C ARG A 234 0.35 -6.07 9.42
N HIS A 235 -0.33 -4.92 9.31
CA HIS A 235 -1.77 -4.85 9.43
C HIS A 235 -2.46 -4.71 8.08
N VAL A 236 -2.01 -3.78 7.25
CA VAL A 236 -2.63 -3.57 5.94
C VAL A 236 -2.15 -4.62 4.96
N LEU A 237 -0.84 -4.67 4.71
CA LEU A 237 -0.29 -5.63 3.76
C LEU A 237 -0.21 -7.02 4.36
N GLN A 238 0.10 -7.13 5.64
CA GLN A 238 0.40 -8.42 6.27
C GLN A 238 1.56 -9.10 5.55
N ILE A 239 2.51 -8.29 5.09
CA ILE A 239 3.66 -8.81 4.34
C ILE A 239 4.49 -9.74 5.20
N HIS A 240 4.46 -9.55 6.52
CA HIS A 240 5.27 -10.40 7.40
C HIS A 240 4.84 -11.85 7.36
N ARG A 241 3.59 -12.14 6.97
CA ARG A 241 3.07 -13.55 6.93
C ARG A 241 3.62 -14.24 5.67
N SER A 242 4.09 -13.49 4.65
CA SER A 242 4.71 -14.06 3.47
C SER A 242 6.20 -13.79 3.47
N LYS A 243 7.00 -14.70 2.91
CA LYS A 243 8.50 -14.59 2.89
C LYS A 243 8.97 -14.49 1.43
N GLY A 244 8.25 -13.75 0.56
CA GLY A 244 8.67 -13.49 -0.80
C GLY A 244 7.68 -14.04 -1.80
N LEU A 245 8.06 -13.94 -3.07
CA LEU A 245 7.23 -14.46 -4.16
C LEU A 245 7.20 -15.98 -4.17
N GLN A 246 8.13 -16.63 -3.47
CA GLN A 246 8.18 -18.11 -3.38
C GLN A 246 6.89 -18.59 -2.70
N ASP A 247 6.47 -17.97 -1.58
CA ASP A 247 5.20 -18.28 -0.87
C ASP A 247 4.33 -17.02 -0.87
N LEU A 248 3.59 -16.80 -1.95
CA LEU A 248 2.66 -15.65 -2.15
C LEU A 248 1.43 -16.10 -1.38
N GLY A 249 1.51 -16.31 -0.05
CA GLY A 249 0.47 -17.04 0.70
C GLY A 249 -0.76 -16.28 1.16
N GLY A 250 -1.91 -16.95 1.31
CA GLY A 250 -3.17 -16.35 1.85
C GLY A 250 -3.71 -15.19 1.05
N ILE A 251 -4.87 -14.62 1.42
CA ILE A 251 -5.48 -13.42 0.76
C ILE A 251 -6.12 -12.54 1.84
N SER A 252 -5.73 -11.27 1.98
CA SER A 252 -6.36 -10.32 2.93
C SER A 252 -7.79 -10.07 2.44
N TRP A 253 -8.83 -10.54 3.16
CA TRP A 253 -10.22 -10.34 2.77
C TRP A 253 -10.65 -8.88 2.90
N GLN A 254 -10.07 -8.13 3.84
CA GLN A 254 -10.39 -6.71 3.93
C GLN A 254 -9.97 -5.98 2.67
N LEU A 255 -8.76 -6.25 2.18
CA LEU A 255 -8.33 -5.65 0.93
C LEU A 255 -9.15 -6.15 -0.25
N ALA A 256 -9.63 -7.39 -0.19
CA ALA A 256 -10.50 -7.90 -1.23
C ALA A 256 -11.80 -7.12 -1.28
N LEU A 257 -12.41 -6.85 -0.12
CA LEU A 257 -13.63 -6.04 -0.09
C LEU A 257 -13.35 -4.63 -0.58
N CYS A 258 -12.22 -4.06 -0.17
CA CYS A 258 -11.87 -2.70 -0.62
C CYS A 258 -11.72 -2.65 -2.13
N ILE A 259 -11.06 -3.65 -2.73
CA ILE A 259 -10.89 -3.65 -4.17
C ILE A 259 -12.22 -3.94 -4.87
N MET A 260 -13.10 -4.72 -4.25
CA MET A 260 -14.42 -4.93 -4.85
C MET A 260 -15.20 -3.63 -4.89
N LEU A 261 -15.12 -2.83 -3.83
CA LEU A 261 -15.76 -1.52 -3.85
C LEU A 261 -15.12 -0.62 -4.91
N ILE A 262 -13.78 -0.64 -5.00
CA ILE A 262 -13.09 0.11 -6.03
C ILE A 262 -13.61 -0.26 -7.41
N PHE A 263 -13.76 -1.57 -7.65
CA PHE A 263 -14.14 -2.04 -8.98
C PHE A 263 -15.60 -1.76 -9.28
N THR A 264 -16.49 -1.83 -8.29
CA THR A 264 -17.88 -1.46 -8.56
C THR A 264 -17.99 0.02 -8.87
N VAL A 265 -17.24 0.87 -8.17
CA VAL A 265 -17.21 2.29 -8.49
C VAL A 265 -16.70 2.48 -9.91
N ILE A 266 -15.61 1.79 -10.26
CA ILE A 266 -15.04 1.91 -11.59
C ILE A 266 -16.06 1.51 -12.65
N TYR A 267 -16.71 0.36 -12.46
CA TYR A 267 -17.69 -0.11 -13.44
C TYR A 267 -18.80 0.90 -13.61
N PHE A 268 -19.43 1.32 -12.50
CA PHE A 268 -20.55 2.24 -12.63
C PHE A 268 -20.12 3.64 -13.07
N SER A 269 -18.82 3.92 -13.12
CA SER A 269 -18.34 5.19 -13.64
C SER A 269 -18.17 5.19 -15.16
N ILE A 270 -17.95 4.03 -15.78
CA ILE A 270 -17.61 3.98 -17.19
C ILE A 270 -18.50 2.99 -17.95
N TRP A 271 -19.48 2.41 -17.27
CA TRP A 271 -20.28 1.36 -17.91
C TRP A 271 -21.12 1.90 -19.07
N LYS A 272 -21.65 3.11 -18.92
CA LYS A 272 -22.52 3.68 -19.95
C LYS A 272 -21.77 4.37 -21.06
N GLY A 273 -20.46 4.55 -20.93
CA GLY A 273 -19.64 5.13 -21.97
C GLY A 273 -18.98 6.42 -21.51
N VAL A 274 -18.81 7.34 -22.45
CA VAL A 274 -18.13 8.59 -22.15
C VAL A 274 -19.07 9.64 -21.57
N LYS A 275 -20.37 9.53 -21.82
CA LYS A 275 -21.31 10.54 -21.33
C LYS A 275 -21.31 10.61 -19.81
N THR A 276 -21.25 9.47 -19.14
CA THR A 276 -21.23 9.45 -17.67
C THR A 276 -19.82 9.60 -17.11
N SER A 277 -18.83 9.05 -17.83
CA SER A 277 -17.41 9.08 -17.38
C SER A 277 -16.88 10.51 -17.44
N GLY A 278 -17.37 11.35 -18.37
CA GLY A 278 -16.98 12.75 -18.44
C GLY A 278 -17.58 13.61 -17.36
N LYS A 279 -18.68 13.16 -16.75
CA LYS A 279 -19.29 13.89 -15.64
C LYS A 279 -18.79 13.41 -14.29
N VAL A 280 -18.44 12.13 -14.17
CA VAL A 280 -17.78 11.65 -12.95
C VAL A 280 -16.40 12.29 -12.82
N VAL A 281 -15.72 12.49 -13.95
CA VAL A 281 -14.41 13.10 -13.93
C VAL A 281 -14.49 14.52 -13.39
N TRP A 282 -15.62 15.21 -13.61
CA TRP A 282 -15.76 16.58 -13.13
C TRP A 282 -15.33 16.70 -11.67
N VAL A 283 -15.71 15.72 -10.85
CA VAL A 283 -15.28 15.72 -9.45
C VAL A 283 -13.98 14.94 -9.27
N THR A 284 -13.86 13.78 -9.92
CA THR A 284 -12.73 12.91 -9.61
C THR A 284 -11.39 13.52 -10.02
N ALA A 285 -11.40 14.53 -10.90
CA ALA A 285 -10.17 15.15 -11.37
C ALA A 285 -9.93 16.54 -10.80
N THR A 286 -10.95 17.17 -10.22
CA THR A 286 -10.80 18.49 -9.62
C THR A 286 -10.70 18.45 -8.11
N PHE A 287 -11.32 17.46 -7.46
CA PHE A 287 -11.18 17.33 -6.01
C PHE A 287 -9.74 17.12 -5.57
N PRO A 288 -8.93 16.32 -6.25
CA PRO A 288 -7.52 16.19 -5.85
C PRO A 288 -6.79 17.52 -5.82
N TYR A 289 -7.13 18.46 -6.70
CA TYR A 289 -6.43 19.74 -6.70
C TYR A 289 -6.79 20.56 -5.46
N ILE A 290 -8.05 20.52 -5.04
CA ILE A 290 -8.44 21.19 -3.80
C ILE A 290 -7.70 20.58 -2.61
N ILE A 291 -7.65 19.25 -2.56
CA ILE A 291 -6.95 18.61 -1.45
C ILE A 291 -5.47 18.95 -1.50
N LEU A 292 -4.90 19.02 -2.70
CA LEU A 292 -3.49 19.39 -2.83
C LEU A 292 -3.24 20.80 -2.34
N SER A 293 -4.14 21.73 -2.65
CA SER A 293 -3.97 23.10 -2.18
C SER A 293 -4.02 23.17 -0.66
N VAL A 294 -4.99 22.49 -0.04
CA VAL A 294 -5.06 22.55 1.42
C VAL A 294 -3.85 21.87 2.06
N LEU A 295 -3.42 20.74 1.48
CA LEU A 295 -2.25 20.04 2.01
C LEU A 295 -1.00 20.90 1.85
N LEU A 296 -0.87 21.61 0.73
CA LEU A 296 0.27 22.49 0.53
C LEU A 296 0.27 23.62 1.54
N VAL A 297 -0.90 24.21 1.81
CA VAL A 297 -0.98 25.26 2.82
C VAL A 297 -0.54 24.73 4.17
N ARG A 298 -1.04 23.56 4.55
CA ARG A 298 -0.65 22.98 5.84
C ARG A 298 0.84 22.72 5.89
N GLY A 299 1.38 22.07 4.85
CA GLY A 299 2.80 21.77 4.84
C GLY A 299 3.66 23.02 4.92
N ALA A 300 3.25 24.08 4.22
CA ALA A 300 3.97 25.35 4.31
C ALA A 300 3.93 25.91 5.72
N THR A 301 2.77 25.78 6.39
CA THR A 301 2.68 26.27 7.75
C THR A 301 3.39 25.39 8.76
N LEU A 302 3.85 24.21 8.36
CA LEU A 302 4.54 23.33 9.29
C LEU A 302 5.91 23.91 9.67
N PRO A 303 6.40 23.60 10.87
CA PRO A 303 7.74 24.08 11.26
C PRO A 303 8.82 23.20 10.65
N GLY A 304 9.71 23.82 9.88
CA GLY A 304 10.77 23.10 9.21
C GLY A 304 10.51 22.79 7.75
N ALA A 305 9.41 23.27 7.18
CA ALA A 305 9.15 23.03 5.76
C ALA A 305 10.20 23.68 4.89
N TRP A 306 10.85 24.74 5.38
CA TRP A 306 11.89 25.39 4.60
C TRP A 306 13.02 24.42 4.30
N ARG A 307 13.38 23.57 5.27
CA ARG A 307 14.37 22.54 5.01
C ARG A 307 13.95 21.67 3.83
N GLY A 308 12.69 21.24 3.83
CA GLY A 308 12.21 20.35 2.78
C GLY A 308 12.25 21.00 1.40
N VAL A 309 11.73 22.23 1.31
CA VAL A 309 11.69 22.89 0.01
C VAL A 309 13.09 23.23 -0.46
N LEU A 310 13.97 23.65 0.46
CA LEU A 310 15.35 23.96 0.09
C LEU A 310 16.09 22.72 -0.39
N PHE A 311 15.84 21.57 0.24
CA PHE A 311 16.44 20.33 -0.21
C PHE A 311 15.80 19.81 -1.48
N TYR A 312 14.58 20.28 -1.78
CA TYR A 312 13.89 19.88 -3.00
C TYR A 312 14.34 20.68 -4.21
N LEU A 313 14.63 21.97 -4.02
CA LEU A 313 14.97 22.86 -5.13
C LEU A 313 16.45 23.14 -5.27
N LYS A 314 17.24 22.98 -4.21
CA LYS A 314 18.67 23.31 -4.28
C LYS A 314 19.31 22.53 -5.41
N PRO A 315 19.72 23.19 -6.49
CA PRO A 315 20.26 22.46 -7.64
C PRO A 315 21.59 21.79 -7.31
N ASN A 316 21.84 20.68 -7.99
CA ASN A 316 23.12 19.96 -7.94
C ASN A 316 23.53 19.73 -9.39
N TRP A 317 24.21 20.73 -9.97
CA TRP A 317 24.55 20.65 -11.39
C TRP A 317 25.55 19.54 -11.67
N GLN A 318 26.31 19.08 -10.66
CA GLN A 318 27.21 17.96 -10.88
C GLN A 318 26.45 16.69 -11.24
N LYS A 319 25.29 16.47 -10.63
CA LYS A 319 24.48 15.30 -10.95
C LYS A 319 23.96 15.35 -12.38
N LEU A 320 24.01 16.50 -13.03
CA LEU A 320 23.44 16.63 -14.36
C LEU A 320 24.30 15.93 -15.41
N LEU A 321 25.61 15.85 -15.19
CA LEU A 321 26.51 15.33 -16.23
C LEU A 321 26.19 13.87 -16.55
N GLU A 322 25.96 13.05 -15.53
CA GLU A 322 25.71 11.63 -15.78
C GLU A 322 24.45 11.45 -16.60
N THR A 323 24.49 10.49 -17.53
CA THR A 323 23.34 10.23 -18.38
C THR A 323 22.14 9.71 -17.59
N GLY A 324 22.36 9.20 -16.38
CA GLY A 324 21.26 8.62 -15.62
C GLY A 324 20.15 9.62 -15.33
N VAL A 325 20.52 10.87 -15.02
CA VAL A 325 19.51 11.87 -14.72
C VAL A 325 18.64 12.14 -15.93
N TRP A 326 19.25 12.27 -17.11
CA TRP A 326 18.48 12.49 -18.32
C TRP A 326 17.61 11.28 -18.64
N ILE A 327 18.14 10.08 -18.42
CA ILE A 327 17.37 8.86 -18.64
C ILE A 327 16.12 8.88 -17.78
N ASP A 328 16.29 9.17 -16.49
CA ASP A 328 15.16 9.19 -15.56
C ASP A 328 14.17 10.30 -15.90
N ALA A 329 14.68 11.46 -16.31
CA ALA A 329 13.77 12.56 -16.67
C ALA A 329 12.93 12.18 -17.88
N ALA A 330 13.56 11.61 -18.91
CA ALA A 330 12.81 11.21 -20.11
C ALA A 330 11.78 10.15 -19.78
N ALA A 331 12.17 9.14 -19.02
CA ALA A 331 11.22 8.10 -18.63
C ALA A 331 10.07 8.68 -17.82
N GLN A 332 10.39 9.57 -16.88
CA GLN A 332 9.35 10.17 -16.04
C GLN A 332 8.34 10.93 -16.89
N ILE A 333 8.83 11.75 -17.82
CA ILE A 333 7.91 12.54 -18.63
C ILE A 333 7.06 11.62 -19.50
N PHE A 334 7.68 10.62 -20.14
CA PHE A 334 6.92 9.75 -21.02
C PHE A 334 5.83 8.99 -20.25
N PHE A 335 6.17 8.46 -19.09
CA PHE A 335 5.19 7.72 -18.31
C PHE A 335 4.21 8.63 -17.57
N SER A 336 4.51 9.92 -17.45
CA SER A 336 3.59 10.85 -16.81
C SER A 336 2.53 11.33 -17.80
N LEU A 337 2.95 11.74 -19.00
CA LEU A 337 1.96 12.08 -20.02
C LEU A 337 1.15 10.86 -20.44
N GLY A 338 1.77 9.68 -20.44
CA GLY A 338 1.11 8.46 -20.77
C GLY A 338 0.63 8.34 -22.21
N PRO A 339 1.46 8.72 -23.18
CA PRO A 339 1.17 8.35 -24.57
C PRO A 339 1.52 6.91 -24.85
N GLY A 340 1.00 6.40 -25.96
CA GLY A 340 1.27 5.04 -26.37
C GLY A 340 0.49 3.98 -25.62
N PHE A 341 -0.49 4.38 -24.81
CA PHE A 341 -1.35 3.44 -24.09
C PHE A 341 -2.70 3.26 -24.76
N GLY A 342 -2.96 3.96 -25.86
CA GLY A 342 -4.23 3.84 -26.56
C GLY A 342 -5.39 4.53 -25.89
N VAL A 343 -5.14 5.31 -24.83
CA VAL A 343 -6.22 5.93 -24.07
C VAL A 343 -6.41 7.37 -24.54
N LEU A 344 -5.31 8.03 -24.94
CA LEU A 344 -5.44 9.33 -25.58
C LEU A 344 -6.10 9.20 -26.94
N LEU A 345 -5.82 8.10 -27.65
CA LEU A 345 -6.54 7.82 -28.90
C LEU A 345 -8.04 7.67 -28.64
N ALA A 346 -8.40 6.96 -27.56
CA ALA A 346 -9.81 6.75 -27.24
C ALA A 346 -10.48 8.05 -26.83
N PHE A 347 -9.78 8.89 -26.06
CA PHE A 347 -10.37 10.16 -25.65
C PHE A 347 -10.53 11.10 -26.82
N ALA A 348 -9.48 11.26 -27.64
CA ALA A 348 -9.55 12.17 -28.77
C ALA A 348 -10.50 11.67 -29.84
N SER A 349 -10.84 10.38 -29.85
CA SER A 349 -11.73 9.83 -30.86
C SER A 349 -13.19 10.16 -30.59
N TYR A 350 -13.49 10.99 -29.60
CA TYR A 350 -14.85 11.37 -29.26
C TYR A 350 -15.13 12.85 -29.48
N ASN A 351 -14.19 13.73 -29.19
CA ASN A 351 -14.44 15.15 -29.38
C ASN A 351 -14.56 15.47 -30.87
N LYS A 352 -15.23 16.58 -31.16
CA LYS A 352 -15.62 16.94 -32.52
C LYS A 352 -14.44 16.89 -33.48
N PHE A 353 -14.73 16.69 -34.77
CA PHE A 353 -13.67 16.61 -35.77
C PHE A 353 -12.94 17.94 -35.90
N ASN A 354 -13.66 19.05 -35.85
CA ASN A 354 -13.06 20.38 -36.01
C ASN A 354 -12.62 20.97 -34.68
N ASN A 355 -12.70 20.22 -33.59
CA ASN A 355 -12.20 20.69 -32.31
C ASN A 355 -10.72 21.01 -32.41
N ASN A 356 -10.25 21.87 -31.51
CA ASN A 356 -8.84 22.26 -31.48
C ASN A 356 -8.08 21.32 -30.55
N CYS A 357 -7.28 20.43 -31.13
CA CYS A 357 -6.51 19.46 -30.36
C CYS A 357 -5.13 19.96 -30.00
N TYR A 358 -4.56 20.86 -30.80
CA TYR A 358 -3.26 21.44 -30.46
C TYR A 358 -3.33 22.20 -29.14
N GLN A 359 -4.32 23.07 -28.99
CA GLN A 359 -4.44 23.89 -27.79
C GLN A 359 -4.68 23.02 -26.57
N ASP A 360 -5.60 22.06 -26.67
CA ASP A 360 -5.91 21.25 -25.50
C ASP A 360 -4.77 20.31 -25.16
N ALA A 361 -4.02 19.84 -26.14
CA ALA A 361 -2.84 19.04 -25.85
C ALA A 361 -1.81 19.87 -25.09
N LEU A 362 -1.54 21.09 -25.57
CA LEU A 362 -0.56 21.94 -24.90
C LEU A 362 -0.98 22.23 -23.46
N VAL A 363 -2.24 22.65 -23.27
CA VAL A 363 -2.67 23.03 -21.94
C VAL A 363 -2.71 21.83 -21.01
N THR A 364 -3.14 20.67 -21.51
CA THR A 364 -3.17 19.48 -20.67
C THR A 364 -1.78 19.06 -20.24
N SER A 365 -0.81 19.08 -21.16
CA SER A 365 0.56 18.72 -20.79
C SER A 365 1.13 19.70 -19.78
N VAL A 366 0.90 21.00 -19.98
CA VAL A 366 1.39 21.99 -19.04
C VAL A 366 0.77 21.78 -17.67
N VAL A 367 -0.54 21.51 -17.64
CA VAL A 367 -1.23 21.28 -16.36
C VAL A 367 -0.64 20.07 -15.66
N ASN A 368 -0.38 19.00 -16.42
CA ASN A 368 0.18 17.79 -15.82
C ASN A 368 1.55 18.07 -15.22
N CYS A 369 2.40 18.79 -15.94
CA CYS A 369 3.75 19.07 -15.43
C CYS A 369 3.68 19.94 -14.18
N MET A 370 2.87 20.99 -14.20
CA MET A 370 2.74 21.86 -13.03
C MET A 370 2.15 21.09 -11.85
N THR A 371 1.22 20.16 -12.12
CA THR A 371 0.66 19.35 -11.06
C THR A 371 1.73 18.48 -10.42
N SER A 372 2.61 17.89 -11.24
CA SER A 372 3.72 17.12 -10.67
C SER A 372 4.61 18.01 -9.80
N PHE A 373 4.90 19.22 -10.28
CA PHE A 373 5.73 20.14 -9.50
C PHE A 373 5.10 20.46 -8.15
N VAL A 374 3.81 20.80 -8.16
CA VAL A 374 3.14 21.19 -6.92
C VAL A 374 2.99 20.00 -5.98
N SER A 375 2.76 18.80 -6.52
CA SER A 375 2.70 17.62 -5.67
C SER A 375 4.04 17.34 -5.03
N GLY A 376 5.13 17.52 -5.76
CA GLY A 376 6.45 17.42 -5.15
C GLY A 376 6.63 18.43 -4.05
N PHE A 377 6.16 19.66 -4.26
CA PHE A 377 6.20 20.66 -3.20
C PHE A 377 5.44 20.18 -1.97
N VAL A 378 4.25 19.63 -2.17
CA VAL A 378 3.43 19.16 -1.06
C VAL A 378 4.16 18.09 -0.28
N ILE A 379 4.75 17.12 -0.99
CA ILE A 379 5.46 16.04 -0.32
C ILE A 379 6.66 16.57 0.45
N PHE A 380 7.42 17.47 -0.14
CA PHE A 380 8.68 17.87 0.47
C PHE A 380 8.49 18.85 1.61
N THR A 381 7.46 19.70 1.57
CA THR A 381 7.19 20.56 2.72
C THR A 381 6.93 19.75 3.98
N VAL A 382 6.47 18.50 3.83
CA VAL A 382 6.26 17.62 4.96
C VAL A 382 7.49 16.77 5.26
N LEU A 383 8.23 16.36 4.22
CA LEU A 383 9.47 15.63 4.44
C LEU A 383 10.45 16.48 5.26
N GLY A 384 10.57 17.76 4.92
CA GLY A 384 11.47 18.63 5.66
C GLY A 384 11.01 18.84 7.08
N TYR A 385 9.70 18.96 7.28
CA TYR A 385 9.16 19.08 8.64
C TYR A 385 9.52 17.84 9.46
N MET A 386 9.33 16.65 8.89
CA MET A 386 9.64 15.44 9.63
C MET A 386 11.12 15.35 9.93
N ALA A 387 11.97 15.73 8.97
CA ALA A 387 13.41 15.72 9.21
C ALA A 387 13.78 16.69 10.33
N GLU A 388 13.15 17.87 10.35
CA GLU A 388 13.42 18.83 11.42
C GLU A 388 13.00 18.26 12.77
N MET A 389 11.88 17.55 12.82
CA MET A 389 11.40 17.02 14.09
C MET A 389 12.42 16.06 14.71
N ARG A 390 13.02 15.21 13.90
CA ARG A 390 14.01 14.25 14.40
C ARG A 390 15.42 14.81 14.48
N ASN A 391 15.63 16.04 14.02
CA ASN A 391 16.96 16.64 13.93
C ASN A 391 17.84 15.67 13.13
N GLU A 392 17.46 15.46 11.88
CA GLU A 392 18.20 14.65 10.93
C GLU A 392 18.11 15.30 9.56
N ASP A 393 19.03 14.89 8.67
CA ASP A 393 19.00 15.40 7.31
C ASP A 393 17.79 14.85 6.56
N VAL A 394 17.27 15.65 5.63
CA VAL A 394 16.12 15.22 4.85
C VAL A 394 16.44 13.98 4.04
N SER A 395 17.72 13.78 3.70
CA SER A 395 18.10 12.61 2.92
C SER A 395 17.87 11.32 3.67
N GLU A 396 17.96 11.35 5.00
CA GLU A 396 17.77 10.15 5.81
C GLU A 396 16.31 9.82 6.05
N VAL A 397 15.38 10.67 5.60
CA VAL A 397 13.97 10.45 5.84
C VAL A 397 13.22 9.94 4.61
N ALA A 398 13.73 10.22 3.40
CA ALA A 398 13.00 9.94 2.17
C ALA A 398 13.47 8.67 1.46
N LYS A 399 14.29 7.84 2.12
CA LYS A 399 14.78 6.64 1.44
C LYS A 399 13.64 5.69 1.07
N ASP A 400 12.47 5.84 1.69
CA ASP A 400 11.29 5.10 1.25
C ASP A 400 11.01 5.43 -0.21
N ALA A 401 11.04 4.41 -1.06
CA ALA A 401 11.06 4.64 -2.50
C ALA A 401 9.65 4.87 -3.07
N GLY A 402 8.80 3.86 -2.99
CA GLY A 402 7.55 3.86 -3.72
C GLY A 402 6.36 4.27 -2.88
N PRO A 403 5.31 3.43 -2.84
CA PRO A 403 4.12 3.78 -2.05
C PRO A 403 4.39 3.89 -0.57
N SER A 404 5.53 3.37 -0.09
CA SER A 404 5.89 3.57 1.31
C SER A 404 6.10 5.04 1.65
N LEU A 405 6.43 5.87 0.66
CA LEU A 405 6.55 7.30 0.89
C LEU A 405 5.21 7.94 1.25
N LEU A 406 4.10 7.30 0.89
CA LEU A 406 2.78 7.83 1.20
C LEU A 406 2.09 7.08 2.33
N PHE A 407 2.33 5.77 2.46
CA PHE A 407 1.67 4.97 3.48
C PHE A 407 2.47 4.86 4.77
N ILE A 408 3.77 5.11 4.74
CA ILE A 408 4.61 5.07 5.92
C ILE A 408 5.10 6.47 6.29
N THR A 409 5.67 7.19 5.32
CA THR A 409 6.29 8.48 5.58
C THR A 409 5.24 9.56 5.80
N TYR A 410 4.41 9.83 4.79
CA TYR A 410 3.39 10.84 4.92
C TYR A 410 2.35 10.46 5.97
N ALA A 411 2.12 9.16 6.18
CA ALA A 411 1.25 8.73 7.26
C ALA A 411 1.82 9.12 8.62
N GLU A 412 3.13 8.92 8.81
CA GLU A 412 3.75 9.36 10.05
C GLU A 412 3.64 10.86 10.21
N ALA A 413 3.83 11.61 9.12
CA ALA A 413 3.69 13.06 9.19
C ALA A 413 2.28 13.45 9.62
N ILE A 414 1.27 12.82 9.03
CA ILE A 414 -0.11 13.15 9.35
C ILE A 414 -0.43 12.81 10.79
N ALA A 415 0.06 11.67 11.28
CA ALA A 415 -0.29 11.23 12.63
C ALA A 415 0.10 12.26 13.68
N ASN A 416 1.14 13.04 13.43
CA ASN A 416 1.63 14.03 14.38
C ASN A 416 1.10 15.43 14.11
N MET A 417 0.37 15.64 13.02
CA MET A 417 -0.17 16.95 12.73
C MET A 417 -1.20 17.35 13.77
N PRO A 418 -1.34 18.66 14.07
CA PRO A 418 -2.27 19.09 15.11
C PRO A 418 -3.70 18.60 14.87
N ALA A 419 -4.27 18.97 13.74
CA ALA A 419 -5.65 18.57 13.41
C ALA A 419 -5.69 17.28 12.61
N SER A 420 -5.01 16.26 13.13
CA SER A 420 -5.03 14.95 12.49
C SER A 420 -6.44 14.37 12.54
N THR A 421 -6.62 13.24 11.86
CA THR A 421 -7.89 12.55 11.64
C THR A 421 -8.74 13.28 10.62
N PHE A 422 -8.35 14.47 10.17
CA PHE A 422 -8.99 15.15 9.05
C PHE A 422 -8.07 15.29 7.86
N PHE A 423 -6.76 15.52 8.10
CA PHE A 423 -5.81 15.53 7.01
C PHE A 423 -5.58 14.12 6.45
N ALA A 424 -5.68 13.10 7.30
CA ALA A 424 -5.59 11.73 6.80
C ALA A 424 -6.73 11.43 5.84
N ILE A 425 -7.95 11.81 6.21
CA ILE A 425 -9.12 11.51 5.39
C ILE A 425 -8.97 12.16 4.02
N ILE A 426 -8.67 13.47 3.99
CA ILE A 426 -8.57 14.17 2.72
C ILE A 426 -7.37 13.68 1.92
N PHE A 427 -6.26 13.37 2.59
CA PHE A 427 -5.09 12.87 1.89
C PHE A 427 -5.41 11.57 1.16
N PHE A 428 -6.03 10.62 1.86
CA PHE A 428 -6.32 9.34 1.23
C PHE A 428 -7.46 9.46 0.22
N LEU A 429 -8.38 10.40 0.43
CA LEU A 429 -9.41 10.66 -0.58
C LEU A 429 -8.79 11.20 -1.86
N MET A 430 -7.82 12.11 -1.73
CA MET A 430 -7.12 12.60 -2.92
C MET A 430 -6.40 11.47 -3.62
N LEU A 431 -5.73 10.61 -2.85
CA LEU A 431 -5.06 9.46 -3.45
C LEU A 431 -6.05 8.60 -4.24
N ILE A 432 -7.17 8.25 -3.61
CA ILE A 432 -8.11 7.34 -4.23
C ILE A 432 -8.74 7.95 -5.48
N THR A 433 -9.09 9.25 -5.42
CA THR A 433 -9.72 9.88 -6.58
C THR A 433 -8.74 10.05 -7.73
N LEU A 434 -7.51 10.47 -7.44
CA LEU A 434 -6.52 10.67 -8.49
C LEU A 434 -6.00 9.36 -9.05
N GLY A 435 -6.23 8.24 -8.36
CA GLY A 435 -6.06 6.95 -9.01
C GLY A 435 -7.29 6.51 -9.78
N LEU A 436 -8.47 6.86 -9.26
CA LEU A 436 -9.76 6.41 -9.82
C LEU A 436 -9.88 6.89 -11.25
N ASP A 437 -9.51 8.13 -11.58
CA ASP A 437 -9.70 8.68 -12.96
C ASP A 437 -8.61 8.12 -13.88
N SER A 438 -7.42 7.73 -13.41
CA SER A 438 -6.40 7.09 -14.29
C SER A 438 -6.92 5.70 -14.59
N THR A 439 -7.60 5.05 -13.64
CA THR A 439 -8.18 3.74 -13.92
C THR A 439 -9.33 3.86 -14.91
N PHE A 440 -10.21 4.86 -14.71
CA PHE A 440 -11.28 5.09 -15.67
C PHE A 440 -10.73 5.26 -17.07
N ALA A 441 -9.70 6.10 -17.20
CA ALA A 441 -9.15 6.41 -18.51
C ALA A 441 -8.57 5.18 -19.17
N GLY A 442 -7.79 4.39 -18.44
CA GLY A 442 -7.20 3.20 -19.03
C GLY A 442 -8.24 2.18 -19.45
N LEU A 443 -9.19 1.90 -18.57
CA LEU A 443 -10.22 0.92 -18.90
C LEU A 443 -11.07 1.41 -20.06
N GLU A 444 -11.37 2.72 -20.11
CA GLU A 444 -12.15 3.25 -21.22
C GLU A 444 -11.37 3.19 -22.52
N GLY A 445 -10.06 3.38 -22.47
CA GLY A 445 -9.26 3.21 -23.68
C GLY A 445 -9.34 1.80 -24.21
N VAL A 446 -9.18 0.81 -23.33
CA VAL A 446 -9.27 -0.58 -23.76
C VAL A 446 -10.67 -0.87 -24.31
N ILE A 447 -11.70 -0.40 -23.61
CA ILE A 447 -13.08 -0.67 -24.02
C ILE A 447 -13.35 -0.04 -25.37
N THR A 448 -12.90 1.20 -25.58
CA THR A 448 -13.10 1.87 -26.86
C THR A 448 -12.40 1.10 -27.97
N ALA A 449 -11.16 0.67 -27.73
CA ALA A 449 -10.44 -0.09 -28.75
C ALA A 449 -11.22 -1.34 -29.14
N VAL A 450 -11.66 -2.12 -28.15
CA VAL A 450 -12.33 -3.38 -28.46
C VAL A 450 -13.66 -3.13 -29.12
N LEU A 451 -14.43 -2.13 -28.65
CA LEU A 451 -15.73 -1.84 -29.25
C LEU A 451 -15.58 -1.40 -30.69
N ASP A 452 -14.58 -0.55 -30.98
CA ASP A 452 -14.36 -0.12 -32.35
C ASP A 452 -13.93 -1.27 -33.24
N GLU A 453 -13.10 -2.17 -32.72
CA GLU A 453 -12.62 -3.27 -33.54
C GLU A 453 -13.73 -4.28 -33.82
N PHE A 454 -14.66 -4.46 -32.89
CA PHE A 454 -15.73 -5.45 -33.01
C PHE A 454 -17.07 -4.78 -32.73
N PRO A 455 -17.60 -4.02 -33.70
CA PRO A 455 -18.95 -3.44 -33.52
C PRO A 455 -20.08 -4.41 -33.81
N HIS A 456 -19.79 -5.55 -34.44
CA HIS A 456 -20.86 -6.48 -34.83
C HIS A 456 -21.29 -7.35 -33.67
N VAL A 457 -20.42 -7.61 -32.70
CA VAL A 457 -20.77 -8.35 -31.51
C VAL A 457 -20.99 -7.44 -30.31
N TRP A 458 -20.15 -6.42 -30.15
CA TRP A 458 -20.27 -5.45 -29.09
C TRP A 458 -20.87 -4.16 -29.65
N ALA A 459 -20.86 -3.09 -28.86
CA ALA A 459 -21.34 -1.76 -29.15
C ALA A 459 -22.86 -1.68 -29.16
N LYS A 460 -23.57 -2.80 -29.16
CA LYS A 460 -24.98 -2.83 -28.82
C LYS A 460 -25.16 -2.97 -27.32
N ARG A 461 -24.38 -3.86 -26.70
CA ARG A 461 -24.44 -4.10 -25.23
C ARG A 461 -23.25 -3.36 -24.61
N ARG A 462 -23.28 -2.01 -24.56
CA ARG A 462 -22.22 -1.25 -23.91
C ARG A 462 -22.12 -1.60 -22.44
N GLU A 463 -23.27 -1.84 -21.79
CA GLU A 463 -23.30 -2.20 -20.34
C GLU A 463 -22.45 -3.47 -20.19
N ARG A 464 -22.69 -4.50 -21.01
CA ARG A 464 -21.87 -5.71 -20.97
C ARG A 464 -20.51 -5.44 -21.59
N PHE A 465 -19.57 -6.34 -21.32
CA PHE A 465 -18.18 -6.26 -21.75
C PHE A 465 -17.40 -5.20 -20.95
N VAL A 466 -18.11 -4.39 -20.18
CA VAL A 466 -17.43 -3.62 -19.14
C VAL A 466 -17.52 -4.36 -17.82
N LEU A 467 -18.64 -5.06 -17.58
CA LEU A 467 -18.70 -6.01 -16.48
C LEU A 467 -17.66 -7.11 -16.66
N ALA A 468 -17.52 -7.64 -17.87
CA ALA A 468 -16.53 -8.68 -18.12
C ALA A 468 -15.11 -8.15 -17.93
N VAL A 469 -14.84 -6.94 -18.43
CA VAL A 469 -13.51 -6.36 -18.29
C VAL A 469 -13.18 -6.13 -16.83
N VAL A 470 -14.14 -5.59 -16.06
CA VAL A 470 -13.89 -5.35 -14.65
C VAL A 470 -13.72 -6.66 -13.90
N ILE A 471 -14.49 -7.69 -14.26
CA ILE A 471 -14.39 -8.98 -13.59
C ILE A 471 -13.02 -9.60 -13.84
N THR A 472 -12.54 -9.56 -15.09
CA THR A 472 -11.24 -10.13 -15.39
C THR A 472 -10.13 -9.32 -14.73
N CYS A 473 -10.28 -8.00 -14.67
CA CYS A 473 -9.30 -7.17 -13.97
C CYS A 473 -9.24 -7.53 -12.49
N PHE A 474 -10.39 -7.72 -11.86
CA PHE A 474 -10.41 -8.11 -10.46
C PHE A 474 -9.77 -9.48 -10.26
N PHE A 475 -10.10 -10.43 -11.14
CA PHE A 475 -9.52 -11.76 -11.03
C PHE A 475 -8.01 -11.73 -11.15
N GLY A 476 -7.50 -10.95 -12.11
CA GLY A 476 -6.06 -10.79 -12.23
C GLY A 476 -5.44 -10.02 -11.08
N SER A 477 -6.22 -9.16 -10.42
CA SER A 477 -5.76 -8.42 -9.25
C SER A 477 -5.82 -9.24 -7.97
N LEU A 478 -6.43 -10.42 -8.01
CA LEU A 478 -6.51 -11.24 -6.80
C LEU A 478 -5.11 -11.67 -6.33
N VAL A 479 -4.24 -12.05 -7.26
CA VAL A 479 -2.89 -12.44 -6.86
C VAL A 479 -2.14 -11.30 -6.20
N THR A 480 -2.50 -10.06 -6.53
CA THR A 480 -1.87 -8.88 -5.96
C THR A 480 -2.41 -8.55 -4.57
N LEU A 481 -3.52 -9.15 -4.15
CA LEU A 481 -4.08 -8.94 -2.83
C LEU A 481 -3.63 -9.98 -1.81
N THR A 482 -2.85 -10.96 -2.22
CA THR A 482 -2.36 -11.96 -1.29
C THR A 482 -1.43 -11.30 -0.26
N PHE A 483 -1.04 -12.08 0.74
CA PHE A 483 -0.18 -11.55 1.79
C PHE A 483 1.15 -11.07 1.24
N GLY A 484 1.72 -11.80 0.27
CA GLY A 484 2.91 -11.34 -0.41
C GLY A 484 2.56 -10.62 -1.70
N GLY A 485 1.50 -9.82 -1.64
CA GLY A 485 0.98 -9.17 -2.84
C GLY A 485 1.64 -7.85 -3.16
N ALA A 486 2.30 -7.23 -2.19
CA ALA A 486 3.06 -6.02 -2.48
C ALA A 486 4.28 -6.34 -3.34
N TYR A 487 4.86 -7.53 -3.16
CA TYR A 487 5.95 -7.95 -4.03
C TYR A 487 5.46 -8.06 -5.46
N VAL A 488 4.25 -8.58 -5.67
CA VAL A 488 3.69 -8.64 -7.01
C VAL A 488 3.36 -7.25 -7.52
N VAL A 489 2.89 -6.35 -6.64
CA VAL A 489 2.68 -4.97 -7.05
C VAL A 489 3.96 -4.39 -7.63
N LYS A 490 5.08 -4.60 -6.94
CA LYS A 490 6.33 -4.03 -7.41
C LYS A 490 6.88 -4.75 -8.64
N LEU A 491 6.67 -6.06 -8.75
CA LEU A 491 7.14 -6.77 -9.94
C LEU A 491 6.37 -6.34 -11.17
N LEU A 492 5.05 -6.18 -11.06
CA LEU A 492 4.26 -5.71 -12.19
C LEU A 492 4.54 -4.24 -12.48
N GLU A 493 4.72 -3.43 -11.43
CA GLU A 493 4.96 -2.01 -11.62
C GLU A 493 6.25 -1.75 -12.39
N GLU A 494 7.26 -2.63 -12.29
CA GLU A 494 8.60 -2.38 -12.94
C GLU A 494 8.63 -3.06 -14.33
N TYR A 495 8.04 -4.24 -14.52
CA TYR A 495 8.19 -4.97 -15.78
C TYR A 495 6.99 -4.74 -16.70
N ALA A 496 5.78 -5.04 -16.22
CA ALA A 496 4.60 -4.53 -16.91
C ALA A 496 4.70 -3.02 -16.97
N THR A 497 4.31 -2.44 -18.10
CA THR A 497 4.56 -1.03 -18.43
C THR A 497 6.04 -0.70 -18.20
N GLY A 498 6.87 -1.38 -18.98
CA GLY A 498 8.30 -1.15 -18.98
C GLY A 498 8.78 -0.92 -20.39
N PRO A 499 9.77 -1.70 -20.85
CA PRO A 499 10.15 -1.64 -22.26
C PRO A 499 9.08 -2.18 -23.19
N ALA A 500 7.96 -2.66 -22.63
CA ALA A 500 6.85 -3.12 -23.44
C ALA A 500 6.06 -1.94 -24.01
N VAL A 501 5.61 -1.05 -23.13
CA VAL A 501 4.85 0.11 -23.59
C VAL A 501 5.71 1.06 -24.40
N LEU A 502 6.99 1.20 -24.03
CA LEU A 502 7.87 2.11 -24.76
C LEU A 502 8.04 1.66 -26.21
N THR A 503 8.24 0.36 -26.43
CA THR A 503 8.35 -0.14 -27.79
C THR A 503 7.03 0.04 -28.54
N VAL A 504 5.90 -0.12 -27.84
CA VAL A 504 4.60 0.08 -28.49
C VAL A 504 4.48 1.53 -28.95
N ALA A 505 4.85 2.48 -28.10
CA ALA A 505 4.79 3.89 -28.47
C ALA A 505 5.75 4.20 -29.62
N LEU A 506 6.95 3.60 -29.58
CA LEU A 506 7.90 3.81 -30.68
C LEU A 506 7.34 3.28 -31.99
N ILE A 507 6.71 2.11 -31.96
CA ILE A 507 6.15 1.53 -33.17
C ILE A 507 4.99 2.39 -33.68
N GLU A 508 4.17 2.92 -32.77
CA GLU A 508 3.10 3.82 -33.17
C GLU A 508 3.68 5.07 -33.85
N ALA A 509 4.72 5.65 -33.25
CA ALA A 509 5.32 6.86 -33.81
C ALA A 509 5.88 6.60 -35.20
N VAL A 510 6.60 5.49 -35.38
CA VAL A 510 7.17 5.19 -36.69
C VAL A 510 6.06 4.89 -37.69
N ALA A 511 4.98 4.24 -37.24
CA ALA A 511 3.87 3.92 -38.14
C ALA A 511 3.14 5.17 -38.59
N VAL A 512 3.08 6.19 -37.73
CA VAL A 512 2.39 7.42 -38.12
C VAL A 512 3.31 8.35 -38.90
N SER A 513 4.62 8.30 -38.67
CA SER A 513 5.55 9.24 -39.27
C SER A 513 6.22 8.70 -40.52
N TRP A 514 6.87 7.54 -40.43
CA TRP A 514 7.64 7.01 -41.55
C TRP A 514 6.76 6.20 -42.51
N PHE A 515 6.14 5.12 -42.01
CA PHE A 515 5.31 4.27 -42.85
C PHE A 515 4.14 5.09 -43.39
N TYR A 516 3.27 5.55 -42.50
CA TYR A 516 2.29 6.56 -42.85
C TYR A 516 2.99 7.90 -43.03
N GLY A 517 2.68 8.61 -44.11
CA GLY A 517 3.39 9.82 -44.43
C GLY A 517 3.35 10.85 -43.32
N ILE A 518 4.38 11.68 -43.25
CA ILE A 518 4.37 12.82 -42.33
C ILE A 518 3.75 14.04 -43.00
N THR A 519 4.02 14.22 -44.30
CA THR A 519 3.29 15.24 -45.05
C THR A 519 1.80 14.93 -45.05
N GLN A 520 1.44 13.65 -45.21
CA GLN A 520 0.03 13.26 -45.19
C GLN A 520 -0.58 13.49 -43.82
N PHE A 521 0.14 13.14 -42.74
CA PHE A 521 -0.39 13.36 -41.40
C PHE A 521 -0.56 14.84 -41.11
N CYS A 522 0.39 15.66 -41.57
CA CYS A 522 0.26 17.10 -41.38
C CYS A 522 -0.88 17.67 -42.21
N ARG A 523 -1.12 17.12 -43.41
CA ARG A 523 -2.29 17.52 -44.19
C ARG A 523 -3.57 17.18 -43.44
N ASP A 524 -3.61 16.00 -42.81
CA ASP A 524 -4.77 15.63 -42.01
C ASP A 524 -4.97 16.60 -40.87
N VAL A 525 -3.89 16.96 -40.18
CA VAL A 525 -3.99 17.90 -39.06
C VAL A 525 -4.48 19.26 -39.56
N LYS A 526 -4.01 19.68 -40.73
CA LYS A 526 -4.45 20.95 -41.30
C LYS A 526 -5.94 20.92 -41.62
N GLU A 527 -6.40 19.83 -42.24
CA GLU A 527 -7.82 19.70 -42.56
C GLU A 527 -8.66 19.65 -41.30
N MET A 528 -8.10 19.10 -40.22
CA MET A 528 -8.84 18.90 -38.93
C MET A 528 -8.93 20.24 -38.19
N LEU A 529 -7.81 20.93 -37.96
CA LEU A 529 -7.76 22.18 -37.21
C LEU A 529 -7.92 23.40 -38.11
N GLY A 530 -7.06 23.52 -39.12
CA GLY A 530 -7.10 24.65 -40.02
C GLY A 530 -5.72 25.13 -40.43
N PHE A 531 -4.70 24.65 -39.75
CA PHE A 531 -3.31 25.00 -40.05
C PHE A 531 -2.45 23.75 -39.99
N SER A 532 -1.43 23.70 -40.83
CA SER A 532 -0.50 22.59 -40.76
C SER A 532 0.43 22.76 -39.55
N PRO A 533 0.81 21.67 -38.89
CA PRO A 533 1.76 21.80 -37.77
C PRO A 533 3.07 22.41 -38.24
N GLY A 534 3.68 23.20 -37.35
CA GLY A 534 4.93 23.86 -37.68
C GLY A 534 6.06 22.87 -37.90
N TRP A 535 7.19 23.41 -38.37
CA TRP A 535 8.33 22.56 -38.65
C TRP A 535 8.88 21.91 -37.38
N PHE A 536 8.73 22.57 -36.24
CA PHE A 536 9.18 21.97 -34.98
C PHE A 536 8.45 20.66 -34.73
N TRP A 537 7.12 20.67 -34.85
CA TRP A 537 6.34 19.46 -34.62
C TRP A 537 6.66 18.39 -35.65
N ARG A 538 6.86 18.79 -36.91
CA ARG A 538 7.21 17.82 -37.94
C ARG A 538 8.53 17.13 -37.62
N ILE A 539 9.55 17.91 -37.26
CA ILE A 539 10.86 17.34 -36.94
C ILE A 539 10.77 16.46 -35.70
N CYS A 540 10.02 16.90 -34.70
CA CYS A 540 9.87 16.09 -33.49
C CYS A 540 9.17 14.77 -33.81
N TRP A 541 8.12 14.81 -34.62
CA TRP A 541 7.42 13.57 -34.96
C TRP A 541 8.31 12.63 -35.76
N VAL A 542 9.10 13.17 -36.69
CA VAL A 542 9.88 12.31 -37.58
C VAL A 542 11.06 11.70 -36.83
N ALA A 543 11.98 12.55 -36.35
CA ALA A 543 13.28 12.09 -35.87
C ALA A 543 13.42 12.16 -34.34
N ILE A 544 13.22 13.33 -33.75
CA ILE A 544 13.64 13.53 -32.36
C ILE A 544 12.83 12.64 -31.42
N SER A 545 11.51 12.62 -31.59
CA SER A 545 10.67 11.88 -30.65
C SER A 545 10.91 10.38 -30.70
N PRO A 546 10.85 9.71 -31.85
CA PRO A 546 11.20 8.28 -31.87
C PRO A 546 12.61 8.02 -31.42
N LEU A 547 13.55 8.93 -31.70
CA LEU A 547 14.92 8.75 -31.23
C LEU A 547 14.97 8.75 -29.71
N PHE A 548 14.25 9.67 -29.07
CA PHE A 548 14.24 9.70 -27.61
C PHE A 548 13.54 8.47 -27.04
N LEU A 549 12.46 8.02 -27.68
CA LEU A 549 11.80 6.79 -27.23
C LEU A 549 12.76 5.61 -27.30
N LEU A 550 13.49 5.49 -28.41
CA LEU A 550 14.47 4.42 -28.55
C LEU A 550 15.58 4.56 -27.51
N PHE A 551 15.97 5.78 -27.15
CA PHE A 551 17.02 6.05 -26.12
C PHE A 551 16.50 5.62 -24.75
N ILE A 552 15.21 5.82 -24.46
CA ILE A 552 14.63 5.31 -23.21
C ILE A 552 14.59 3.80 -23.21
N ILE A 553 14.18 3.18 -24.32
CA ILE A 553 14.07 1.72 -24.33
C ILE A 553 15.45 1.09 -24.23
N CYS A 554 16.44 1.66 -24.91
CA CYS A 554 17.79 1.12 -24.84
C CYS A 554 18.36 1.26 -23.43
N SER A 555 17.97 2.32 -22.70
CA SER A 555 18.40 2.41 -21.31
C SER A 555 17.86 1.26 -20.47
N PHE A 556 16.57 0.94 -20.63
CA PHE A 556 15.95 -0.06 -19.77
C PHE A 556 16.50 -1.45 -20.04
N LEU A 557 16.72 -1.80 -21.31
CA LEU A 557 17.16 -3.14 -21.65
C LEU A 557 18.60 -3.41 -21.25
N MET A 558 19.37 -2.39 -20.90
CA MET A 558 20.76 -2.60 -20.52
C MET A 558 20.89 -2.97 -19.04
N SER A 559 20.09 -2.33 -18.18
CA SER A 559 20.22 -2.52 -16.74
C SER A 559 19.13 -3.45 -16.23
N PRO A 560 19.46 -4.61 -15.66
CA PRO A 560 18.44 -5.42 -15.00
C PRO A 560 18.16 -4.90 -13.60
N PRO A 561 16.89 -4.73 -13.23
CA PRO A 561 16.59 -4.10 -11.93
C PRO A 561 16.94 -5.01 -10.76
N GLN A 562 17.05 -4.38 -9.60
CA GLN A 562 17.40 -5.07 -8.36
C GLN A 562 16.29 -4.88 -7.33
N LEU A 563 15.05 -5.15 -7.74
CA LEU A 563 13.87 -4.88 -6.94
C LEU A 563 14.09 -5.28 -5.48
N ARG A 564 13.65 -4.42 -4.56
CA ARG A 564 13.74 -4.72 -3.14
C ARG A 564 12.66 -3.91 -2.43
N LEU A 565 11.56 -4.58 -2.08
CA LEU A 565 10.41 -3.88 -1.50
C LEU A 565 10.59 -3.64 -0.01
N PHE A 566 10.64 -4.71 0.78
CA PHE A 566 10.75 -4.60 2.24
C PHE A 566 11.75 -5.67 2.69
N GLN A 567 13.03 -5.30 2.71
CA GLN A 567 14.09 -6.21 3.14
C GLN A 567 13.99 -7.56 2.43
N TYR A 568 13.52 -7.55 1.19
CA TYR A 568 13.37 -8.76 0.37
C TYR A 568 14.06 -8.50 -0.97
N ASN A 569 15.30 -8.94 -1.09
CA ASN A 569 16.00 -8.87 -2.37
C ASN A 569 15.41 -9.90 -3.32
N TYR A 570 14.92 -9.44 -4.47
CA TYR A 570 14.19 -10.31 -5.37
C TYR A 570 15.12 -11.35 -5.97
N PRO A 571 14.62 -12.56 -6.25
CA PRO A 571 15.46 -13.60 -6.85
C PRO A 571 15.58 -13.40 -8.36
N TYR A 572 16.55 -14.12 -8.94
CA TYR A 572 16.80 -14.01 -10.37
C TYR A 572 15.61 -14.51 -11.17
N TRP A 573 14.99 -15.61 -10.75
CA TRP A 573 13.83 -16.12 -11.46
C TRP A 573 12.71 -15.09 -11.50
N SER A 574 12.64 -14.22 -10.49
CA SER A 574 11.68 -13.12 -10.55
C SER A 574 12.01 -12.16 -11.68
N ILE A 575 13.30 -11.87 -11.89
CA ILE A 575 13.70 -11.02 -13.01
C ILE A 575 13.34 -11.70 -14.33
N ILE A 576 13.54 -13.00 -14.42
CA ILE A 576 13.18 -13.73 -15.64
C ILE A 576 11.67 -13.67 -15.86
N LEU A 577 10.89 -13.80 -14.79
CA LEU A 577 9.44 -13.70 -14.91
C LEU A 577 9.02 -12.30 -15.38
N GLY A 578 9.70 -11.27 -14.87
CA GLY A 578 9.41 -9.93 -15.33
C GLY A 578 9.74 -9.73 -16.81
N TYR A 579 10.87 -10.28 -17.25
CA TYR A 579 11.19 -10.23 -18.67
C TYR A 579 10.17 -11.00 -19.49
N CYS A 580 9.62 -12.08 -18.93
CA CYS A 580 8.55 -12.81 -19.61
C CYS A 580 7.29 -11.97 -19.72
N ILE A 581 6.98 -11.19 -18.66
CA ILE A 581 5.86 -10.26 -18.75
C ILE A 581 6.09 -9.25 -19.87
N GLY A 582 7.31 -8.70 -19.93
CA GLY A 582 7.63 -7.77 -21.00
C GLY A 582 7.49 -8.40 -22.38
N THR A 583 7.94 -9.65 -22.52
CA THR A 583 7.83 -10.35 -23.79
C THR A 583 6.38 -10.59 -24.18
N SER A 584 5.54 -10.95 -23.19
CA SER A 584 4.17 -11.32 -23.50
C SER A 584 3.40 -10.18 -24.13
N SER A 585 3.59 -8.95 -23.62
CA SER A 585 2.91 -7.81 -24.21
C SER A 585 3.41 -7.52 -25.62
N PHE A 586 4.72 -7.67 -25.84
CA PHE A 586 5.32 -7.34 -27.12
C PHE A 586 5.37 -8.52 -28.08
N ILE A 587 4.86 -9.68 -27.70
CA ILE A 587 4.86 -10.85 -28.58
C ILE A 587 3.55 -10.87 -29.35
N CYS A 588 2.84 -9.74 -29.37
CA CYS A 588 1.64 -9.57 -30.18
C CYS A 588 1.94 -8.90 -31.52
N ILE A 589 2.75 -7.85 -31.51
CA ILE A 589 3.05 -7.09 -32.72
C ILE A 589 3.79 -7.97 -33.72
N PRO A 590 4.88 -8.64 -33.33
CA PRO A 590 5.59 -9.48 -34.31
C PRO A 590 4.75 -10.63 -34.83
N THR A 591 3.96 -11.26 -33.95
CA THR A 591 3.14 -12.39 -34.40
C THR A 591 2.05 -11.93 -35.35
N TYR A 592 1.46 -10.76 -35.09
CA TYR A 592 0.48 -10.25 -36.05
C TYR A 592 1.14 -9.86 -37.37
N ILE A 593 2.35 -9.31 -37.32
CA ILE A 593 3.07 -9.01 -38.55
C ILE A 593 3.25 -10.29 -39.37
N ALA A 594 3.70 -11.36 -38.71
CA ALA A 594 3.90 -12.62 -39.40
C ALA A 594 2.59 -13.17 -39.96
N TYR A 595 1.52 -13.13 -39.15
CA TYR A 595 0.23 -13.65 -39.60
C TYR A 595 -0.29 -12.85 -40.78
N ARG A 596 -0.21 -11.53 -40.72
CA ARG A 596 -0.70 -10.70 -41.81
C ARG A 596 0.11 -10.92 -43.08
N LEU A 597 1.43 -11.07 -42.94
CA LEU A 597 2.25 -11.37 -44.10
C LEU A 597 1.86 -12.71 -44.71
N ILE A 598 1.59 -13.71 -43.86
CA ILE A 598 1.21 -15.03 -44.38
C ILE A 598 -0.14 -14.95 -45.09
N ILE A 599 -1.08 -14.20 -44.53
CA ILE A 599 -2.44 -14.21 -45.06
C ILE A 599 -2.48 -13.64 -46.47
N THR A 600 -1.87 -12.47 -46.67
CA THR A 600 -1.96 -11.80 -47.96
C THR A 600 -1.20 -12.60 -49.02
N PRO A 601 -1.70 -12.62 -50.28
CA PRO A 601 -1.02 -13.40 -51.32
C PRO A 601 0.03 -12.61 -52.10
N GLY A 602 0.68 -13.27 -53.05
CA GLY A 602 1.67 -12.64 -53.89
C GLY A 602 3.08 -12.75 -53.33
N THR A 603 4.05 -12.38 -54.17
CA THR A 603 5.45 -12.44 -53.75
C THR A 603 5.65 -11.60 -52.49
N PHE A 604 6.82 -11.75 -51.87
CA PHE A 604 7.06 -11.09 -50.59
C PHE A 604 6.99 -9.57 -50.72
N LYS A 605 7.59 -9.02 -51.79
CA LYS A 605 7.60 -7.58 -51.96
C LYS A 605 6.18 -7.02 -52.02
N GLU A 606 5.34 -7.59 -52.89
CA GLU A 606 3.96 -7.13 -52.97
C GLU A 606 3.18 -7.52 -51.72
N ARG A 607 3.57 -8.60 -51.04
CA ARG A 607 2.93 -9.06 -49.78
C ARG A 607 3.09 -7.96 -48.74
N ILE A 608 4.29 -7.39 -48.61
CA ILE A 608 4.58 -6.32 -47.59
C ILE A 608 3.96 -5.00 -48.13
N ILE A 609 4.04 -4.71 -49.43
CA ILE A 609 3.47 -3.48 -49.96
C ILE A 609 1.98 -3.41 -49.69
N LYS A 610 1.26 -4.50 -49.96
CA LYS A 610 -0.17 -4.54 -49.70
C LYS A 610 -0.45 -4.43 -48.20
N SER A 611 0.34 -5.12 -47.37
CA SER A 611 0.11 -5.08 -45.93
C SER A 611 0.47 -3.74 -45.31
N ILE A 612 1.19 -2.88 -46.03
CA ILE A 612 1.65 -1.62 -45.45
C ILE A 612 0.68 -0.47 -45.73
N THR A 613 0.00 -0.47 -46.89
CA THR A 613 -0.87 0.63 -47.22
C THR A 613 -2.20 0.53 -46.46
N PRO A 614 -2.82 1.66 -46.14
CA PRO A 614 -4.14 1.61 -45.50
C PRO A 614 -5.16 0.95 -46.41
N GLU A 615 -6.15 0.29 -45.79
CA GLU A 615 -7.17 -0.40 -46.58
C GLU A 615 -7.94 0.57 -47.45
N THR A 616 -8.30 1.73 -46.91
CA THR A 616 -9.02 2.74 -47.68
C THR A 616 -10.32 2.16 -48.23
N PRO A 617 -11.30 1.84 -47.38
CA PRO A 617 -12.59 1.30 -47.84
C PRO A 617 -13.39 2.31 -48.65
N GLN B 1 18.54 -7.39 33.11
CA GLN B 1 17.48 -8.19 33.71
C GLN B 1 16.25 -7.33 33.98
N VAL B 2 15.07 -7.88 33.68
CA VAL B 2 13.81 -7.19 33.87
C VAL B 2 13.18 -7.72 35.16
N GLN B 3 12.87 -6.82 36.09
CA GLN B 3 12.23 -7.17 37.34
C GLN B 3 11.21 -6.10 37.70
N LEU B 4 10.06 -6.54 38.22
CA LEU B 4 8.99 -5.66 38.65
C LEU B 4 8.81 -5.82 40.15
N GLN B 5 8.95 -4.71 40.88
CA GLN B 5 8.77 -4.69 42.32
C GLN B 5 7.55 -3.84 42.66
N GLN B 6 6.72 -4.34 43.58
CA GLN B 6 5.50 -3.66 43.98
C GLN B 6 5.46 -3.54 45.50
N SER B 7 4.56 -2.69 45.97
CA SER B 7 4.46 -2.40 47.39
C SER B 7 4.14 -3.66 48.17
N GLY B 8 4.25 -3.55 49.50
CA GLY B 8 3.99 -4.66 50.38
C GLY B 8 2.51 -4.84 50.66
N PRO B 9 2.17 -5.77 51.56
CA PRO B 9 0.76 -6.02 51.87
C PRO B 9 0.09 -4.80 52.50
N GLU B 10 -1.21 -4.72 52.30
CA GLU B 10 -2.05 -3.67 52.86
C GLU B 10 -3.15 -4.30 53.71
N LEU B 11 -4.04 -3.44 54.23
CA LEU B 11 -5.18 -3.88 55.01
C LEU B 11 -6.47 -3.49 54.29
N VAL B 12 -7.49 -4.31 54.47
CA VAL B 12 -8.77 -4.17 53.77
C VAL B 12 -9.79 -3.66 54.77
N LYS B 13 -10.25 -2.43 54.56
CA LYS B 13 -11.33 -1.84 55.34
C LYS B 13 -12.54 -1.65 54.44
N LEU B 14 -13.71 -1.99 54.95
CA LEU B 14 -14.92 -1.91 54.14
C LEU B 14 -15.19 -0.47 53.73
N GLY B 15 -15.23 -0.23 52.42
CA GLY B 15 -15.45 1.10 51.89
C GLY B 15 -14.22 1.98 51.81
N ALA B 16 -13.03 1.42 51.99
CA ALA B 16 -11.78 2.16 51.94
C ALA B 16 -11.17 2.05 50.54
N SER B 17 -9.93 2.50 50.41
CA SER B 17 -9.21 2.43 49.15
C SER B 17 -7.74 2.15 49.43
N VAL B 18 -7.07 1.60 48.42
CA VAL B 18 -5.64 1.30 48.49
C VAL B 18 -4.96 1.82 47.24
N ARG B 19 -3.63 1.89 47.30
CA ARG B 19 -2.79 2.43 46.22
C ARG B 19 -1.63 1.45 46.05
N ILE B 20 -1.80 0.48 45.14
CA ILE B 20 -0.78 -0.53 44.89
C ILE B 20 0.05 -0.10 43.69
N SER B 21 1.36 -0.01 43.89
CA SER B 21 2.31 0.46 42.89
C SER B 21 3.20 -0.68 42.42
N CYS B 22 3.75 -0.51 41.22
CA CYS B 22 4.64 -1.53 40.63
C CYS B 22 5.75 -0.80 39.86
N LYS B 23 6.87 -0.59 40.54
CA LYS B 23 8.06 -0.07 39.87
C LYS B 23 8.60 -1.09 38.86
N ALA B 24 9.12 -0.59 37.75
CA ALA B 24 9.61 -1.43 36.67
C ALA B 24 11.02 -1.02 36.29
N SER B 25 11.80 -2.00 35.85
CA SER B 25 13.20 -1.77 35.51
C SER B 25 13.66 -2.81 34.50
N GLY B 26 14.78 -2.51 33.86
CA GLY B 26 15.41 -3.45 32.94
C GLY B 26 14.89 -3.41 31.52
N TYR B 27 13.94 -2.53 31.20
CA TYR B 27 13.39 -2.44 29.86
C TYR B 27 12.72 -1.08 29.70
N ARG B 28 12.43 -0.72 28.45
CA ARG B 28 11.74 0.52 28.15
C ARG B 28 10.26 0.33 28.49
N PHE B 29 9.92 0.64 29.74
CA PHE B 29 8.57 0.47 30.24
C PHE B 29 7.53 1.19 29.39
N SER B 30 7.91 2.29 28.76
CA SER B 30 6.96 3.12 28.01
C SER B 30 6.51 2.48 26.71
N TYR B 31 6.85 1.22 26.47
CA TYR B 31 6.45 0.56 25.22
C TYR B 31 5.90 -0.84 25.47
N SER B 32 5.43 -1.13 26.67
CA SER B 32 4.86 -2.43 27.00
C SER B 32 3.64 -2.22 27.89
N TRP B 33 2.59 -3.01 27.63
CA TRP B 33 1.43 -2.99 28.50
C TRP B 33 1.79 -3.52 29.87
N MET B 34 1.11 -3.01 30.89
CA MET B 34 1.36 -3.37 32.28
C MET B 34 0.05 -3.91 32.85
N ASN B 35 -0.11 -5.23 32.87
CA ASN B 35 -1.39 -5.84 33.30
C ASN B 35 -1.46 -5.92 34.81
N TRP B 36 -2.66 -6.10 35.36
CA TRP B 36 -2.86 -6.39 36.80
C TRP B 36 -3.77 -7.61 36.79
N VAL B 37 -3.52 -8.64 37.61
CA VAL B 37 -4.40 -9.80 37.73
C VAL B 37 -4.64 -10.08 39.21
N LYS B 38 -5.89 -10.32 39.56
CA LYS B 38 -6.28 -10.70 40.92
C LYS B 38 -6.24 -12.21 41.08
N GLN B 39 -5.86 -12.66 42.28
CA GLN B 39 -5.82 -14.08 42.63
C GLN B 39 -6.49 -14.25 43.99
N ARG B 40 -7.78 -14.61 43.98
CA ARG B 40 -8.46 -14.91 45.21
C ARG B 40 -7.81 -16.13 45.87
N PRO B 41 -7.82 -16.22 47.19
CA PRO B 41 -7.26 -17.41 47.85
C PRO B 41 -8.09 -18.64 47.55
N GLY B 42 -7.41 -19.68 47.05
CA GLY B 42 -8.10 -20.91 46.69
C GLY B 42 -8.86 -20.84 45.37
N LYS B 43 -8.50 -19.90 44.50
CA LYS B 43 -9.18 -19.73 43.21
C LYS B 43 -8.12 -19.54 42.14
N GLY B 44 -8.56 -19.18 40.94
CA GLY B 44 -7.67 -19.00 39.81
C GLY B 44 -7.40 -17.53 39.50
N LEU B 45 -6.62 -17.33 38.44
CA LEU B 45 -6.27 -15.99 38.02
C LEU B 45 -7.48 -15.26 37.45
N GLU B 46 -7.41 -13.93 37.48
CA GLU B 46 -8.53 -13.09 37.05
C GLU B 46 -7.96 -11.78 36.53
N TRP B 47 -7.95 -11.61 35.21
CA TRP B 47 -7.44 -10.37 34.63
C TRP B 47 -8.23 -9.18 35.13
N ILE B 48 -7.53 -8.08 35.40
CA ILE B 48 -8.13 -6.85 35.90
C ILE B 48 -8.14 -5.75 34.83
N GLY B 49 -6.98 -5.38 34.34
CA GLY B 49 -6.92 -4.28 33.40
C GLY B 49 -5.58 -4.18 32.72
N ARG B 50 -5.37 -3.04 32.06
CA ARG B 50 -4.22 -2.80 31.21
C ARG B 50 -3.84 -1.33 31.33
N ILE B 51 -2.60 -1.02 30.96
CA ILE B 51 -2.17 0.36 30.82
C ILE B 51 -0.91 0.37 29.97
N TYR B 52 -0.83 1.36 29.07
CA TYR B 52 0.29 1.50 28.14
C TYR B 52 0.99 2.82 28.44
N PRO B 53 2.00 2.82 29.30
CA PRO B 53 2.72 4.08 29.56
C PRO B 53 3.33 4.62 28.28
N GLY B 54 3.30 5.94 28.14
CA GLY B 54 3.70 6.58 26.91
C GLY B 54 2.50 7.12 26.16
N ASP B 55 1.37 6.41 26.28
CA ASP B 55 0.11 6.85 25.69
C ASP B 55 -1.01 7.01 26.70
N GLY B 56 -0.94 6.36 27.86
CA GLY B 56 -1.97 6.44 28.87
C GLY B 56 -3.20 5.59 28.61
N ASP B 57 -3.22 4.83 27.52
CA ASP B 57 -4.37 3.99 27.21
C ASP B 57 -4.52 2.87 28.24
N THR B 58 -5.74 2.67 28.71
CA THR B 58 -6.04 1.65 29.71
C THR B 58 -7.28 0.88 29.29
N LYS B 59 -7.24 -0.44 29.49
CA LYS B 59 -8.37 -1.32 29.26
C LYS B 59 -8.73 -2.02 30.55
N TYR B 60 -10.01 -2.36 30.70
CA TYR B 60 -10.49 -3.05 31.88
C TYR B 60 -11.45 -4.16 31.48
N SER B 61 -11.53 -5.19 32.31
CA SER B 61 -12.53 -6.22 32.13
C SER B 61 -13.92 -5.67 32.50
N GLY B 62 -14.94 -6.48 32.26
CA GLY B 62 -16.30 -6.08 32.56
C GLY B 62 -16.65 -6.22 34.03
N LYS B 63 -15.64 -6.17 34.90
CA LYS B 63 -15.84 -6.26 36.34
C LYS B 63 -15.11 -5.19 37.13
N PHE B 64 -14.10 -4.55 36.55
CA PHE B 64 -13.32 -3.52 37.25
C PHE B 64 -13.36 -2.19 36.52
N LYS B 65 -14.38 -1.97 35.67
CA LYS B 65 -14.45 -0.73 34.91
C LYS B 65 -14.48 0.48 35.82
N GLY B 66 -15.12 0.35 36.98
CA GLY B 66 -15.18 1.44 37.94
C GLY B 66 -14.45 1.12 39.23
N LYS B 67 -14.25 -0.18 39.50
CA LYS B 67 -13.62 -0.57 40.76
C LYS B 67 -12.13 -0.25 40.76
N ALA B 68 -11.44 -0.49 39.64
CA ALA B 68 -10.00 -0.30 39.55
C ALA B 68 -9.66 0.67 38.43
N THR B 69 -8.72 1.57 38.71
CA THR B 69 -8.23 2.55 37.75
C THR B 69 -6.70 2.47 37.74
N LEU B 70 -6.12 2.40 36.55
CA LEU B 70 -4.68 2.25 36.40
C LEU B 70 -4.04 3.59 36.05
N THR B 71 -2.83 3.80 36.57
CA THR B 71 -2.09 5.04 36.37
C THR B 71 -0.63 4.69 36.08
N ALA B 72 0.04 5.59 35.38
CA ALA B 72 1.44 5.40 35.02
C ALA B 72 2.24 6.65 35.40
N ASP B 73 3.54 6.44 35.64
CA ASP B 73 4.46 7.53 35.98
C ASP B 73 5.75 7.28 35.22
N LYS B 74 6.00 8.07 34.18
CA LYS B 74 7.18 7.83 33.35
C LYS B 74 8.47 8.32 34.02
N SER B 75 8.37 9.25 34.97
CA SER B 75 9.56 9.68 35.69
C SER B 75 10.07 8.57 36.60
N SER B 76 9.18 7.98 37.40
CA SER B 76 9.56 6.95 38.36
C SER B 76 9.42 5.54 37.81
N SER B 77 8.96 5.37 36.57
CA SER B 77 8.81 4.06 35.96
C SER B 77 7.87 3.17 36.77
N THR B 78 6.87 3.77 37.43
CA THR B 78 5.97 3.05 38.31
C THR B 78 4.56 3.09 37.74
N VAL B 79 3.85 1.97 37.90
CA VAL B 79 2.46 1.85 37.48
C VAL B 79 1.62 1.57 38.71
N TYR B 80 0.61 2.40 38.95
CA TYR B 80 -0.24 2.29 40.12
C TYR B 80 -1.56 1.63 39.75
N MET B 81 -2.37 1.34 40.76
CA MET B 81 -3.72 0.82 40.53
C MET B 81 -4.54 1.11 41.78
N GLN B 82 -5.55 1.95 41.65
CA GLN B 82 -6.39 2.39 42.76
C GLN B 82 -7.64 1.52 42.84
N LEU B 83 -7.91 0.98 44.02
CA LEU B 83 -9.10 0.18 44.28
C LEU B 83 -10.02 0.94 45.23
N SER B 84 -11.32 0.95 44.91
CA SER B 84 -12.30 1.69 45.66
C SER B 84 -13.42 0.77 46.12
N SER B 85 -14.04 1.12 47.25
CA SER B 85 -15.13 0.34 47.82
C SER B 85 -14.69 -1.11 48.06
N LEU B 86 -13.69 -1.25 48.94
CA LEU B 86 -13.10 -2.56 49.22
C LEU B 86 -14.10 -3.43 49.98
N THR B 87 -14.70 -4.38 49.28
CA THR B 87 -15.47 -5.43 49.93
C THR B 87 -14.56 -6.58 50.33
N SER B 88 -15.11 -7.51 51.13
CA SER B 88 -14.35 -8.69 51.49
C SER B 88 -14.08 -9.60 50.30
N GLU B 89 -14.76 -9.37 49.17
CA GLU B 89 -14.55 -10.18 47.98
C GLU B 89 -13.24 -9.87 47.28
N ASP B 90 -12.76 -8.63 47.38
CA ASP B 90 -11.57 -8.18 46.68
C ASP B 90 -10.34 -8.14 47.60
N SER B 91 -10.31 -8.99 48.63
CA SER B 91 -9.11 -9.21 49.42
C SER B 91 -8.38 -10.40 48.81
N ALA B 92 -7.30 -10.13 48.08
CA ALA B 92 -6.63 -11.16 47.28
C ALA B 92 -5.20 -10.73 47.04
N VAL B 93 -4.53 -11.43 46.13
CA VAL B 93 -3.15 -11.13 45.75
C VAL B 93 -3.18 -10.58 44.33
N TYR B 94 -2.75 -9.33 44.17
CA TYR B 94 -2.73 -8.67 42.88
C TYR B 94 -1.30 -8.69 42.35
N PHE B 95 -1.11 -9.34 41.20
CA PHE B 95 0.19 -9.41 40.56
C PHE B 95 0.28 -8.35 39.47
N CYS B 96 1.46 -7.73 39.37
CA CYS B 96 1.74 -6.76 38.32
C CYS B 96 2.60 -7.44 37.25
N ALA B 97 1.99 -7.75 36.13
CA ALA B 97 2.66 -8.43 35.04
C ALA B 97 2.95 -7.45 33.90
N ARG B 98 3.93 -7.81 33.08
CA ARG B 98 4.37 -6.99 31.97
C ARG B 98 4.22 -7.78 30.68
N SER B 99 3.31 -7.34 29.82
CA SER B 99 3.09 -8.02 28.56
C SER B 99 4.30 -7.90 27.65
N ALA B 100 4.44 -8.86 26.75
CA ALA B 100 5.46 -8.80 25.71
C ALA B 100 4.95 -7.87 24.62
N TYR B 101 5.63 -7.85 23.48
CA TYR B 101 5.19 -7.01 22.38
C TYR B 101 4.11 -7.74 21.58
N GLY B 102 3.47 -7.01 20.66
CA GLY B 102 2.34 -7.56 19.95
C GLY B 102 2.67 -8.84 19.20
N SER B 103 3.86 -8.88 18.58
CA SER B 103 4.25 -10.07 17.82
C SER B 103 4.46 -11.28 18.72
N GLU B 104 4.87 -11.07 19.97
CA GLU B 104 5.09 -12.15 20.91
C GLU B 104 3.82 -12.64 21.58
N GLY B 105 2.65 -12.27 21.06
CA GLY B 105 1.40 -12.70 21.64
C GLY B 105 1.01 -11.99 22.91
N PHE B 106 1.65 -10.86 23.22
CA PHE B 106 1.36 -10.10 24.44
C PHE B 106 1.57 -10.95 25.69
N ALA B 107 2.52 -11.87 25.64
CA ALA B 107 2.73 -12.80 26.74
C ALA B 107 3.32 -12.07 27.94
N MET B 108 2.71 -12.26 29.10
CA MET B 108 3.19 -11.62 30.32
C MET B 108 4.46 -12.30 30.80
N ASP B 109 5.61 -11.85 30.29
CA ASP B 109 6.87 -12.54 30.57
C ASP B 109 7.24 -12.43 32.06
N TYR B 110 7.21 -11.22 32.61
CA TYR B 110 7.73 -10.94 33.94
C TYR B 110 6.61 -10.51 34.87
N TRP B 111 6.66 -11.01 36.10
CA TRP B 111 5.63 -10.76 37.09
C TRP B 111 6.25 -10.19 38.36
N GLY B 112 5.45 -9.45 39.12
CA GLY B 112 5.86 -9.02 40.44
C GLY B 112 5.56 -10.07 41.48
N GLN B 113 6.18 -9.93 42.65
CA GLN B 113 6.02 -10.93 43.70
C GLN B 113 4.58 -11.01 44.20
N GLY B 114 3.79 -9.97 43.96
CA GLY B 114 2.39 -9.97 44.33
C GLY B 114 2.10 -9.25 45.63
N THR B 115 1.12 -8.36 45.62
CA THR B 115 0.73 -7.59 46.78
C THR B 115 -0.55 -8.18 47.36
N SER B 116 -0.48 -8.62 48.61
CA SER B 116 -1.62 -9.25 49.29
C SER B 116 -2.34 -8.20 50.12
N VAL B 117 -3.60 -7.93 49.78
CA VAL B 117 -4.47 -7.06 50.55
C VAL B 117 -5.49 -7.95 51.26
N THR B 118 -5.47 -7.94 52.58
CA THR B 118 -6.31 -8.82 53.37
C THR B 118 -7.24 -8.02 54.28
N ASP C 1 -13.96 -10.07 24.69
CA ASP C 1 -14.30 -11.01 25.75
C ASP C 1 -14.51 -12.41 25.19
N ILE C 2 -13.41 -13.16 25.07
CA ILE C 2 -13.44 -14.52 24.57
C ILE C 2 -13.30 -15.46 25.76
N VAL C 3 -14.32 -16.29 25.97
CA VAL C 3 -14.32 -17.22 27.09
C VAL C 3 -13.45 -18.42 26.74
N LEU C 4 -12.50 -18.74 27.61
CA LEU C 4 -11.61 -19.89 27.45
C LEU C 4 -12.03 -20.96 28.43
N THR C 5 -12.23 -22.18 27.93
CA THR C 5 -12.61 -23.32 28.75
C THR C 5 -11.54 -24.40 28.62
N GLN C 6 -11.00 -24.82 29.76
CA GLN C 6 -10.01 -25.88 29.82
C GLN C 6 -10.71 -27.16 30.25
N SER C 7 -10.88 -28.09 29.32
CA SER C 7 -11.68 -29.28 29.59
C SER C 7 -11.12 -30.12 30.73
N PRO C 8 -9.83 -30.48 30.75
CA PRO C 8 -9.31 -31.33 31.84
C PRO C 8 -8.96 -30.52 33.09
N ALA C 9 -9.98 -30.25 33.91
CA ALA C 9 -9.77 -29.45 35.11
C ALA C 9 -8.82 -30.12 36.11
N SER C 10 -8.61 -31.43 35.98
CA SER C 10 -7.69 -32.15 36.86
C SER C 10 -6.93 -33.18 36.04
N LEU C 11 -5.63 -33.29 36.30
CA LEU C 11 -4.75 -34.25 35.63
C LEU C 11 -4.08 -35.11 36.70
N ALA C 12 -4.47 -36.38 36.78
CA ALA C 12 -3.80 -37.33 37.66
C ALA C 12 -2.80 -38.17 36.87
N VAL C 13 -1.83 -37.48 36.24
CA VAL C 13 -0.82 -38.13 35.35
C VAL C 13 0.34 -38.65 36.21
N SER C 14 0.73 -39.92 36.07
CA SER C 14 1.87 -40.51 36.83
C SER C 14 3.19 -40.11 36.17
N LEU C 15 4.32 -40.24 36.86
CA LEU C 15 5.65 -40.00 36.32
C LEU C 15 5.86 -40.78 35.03
N GLY C 16 6.46 -40.12 34.05
CA GLY C 16 6.79 -40.75 32.78
C GLY C 16 5.67 -40.75 31.76
N GLN C 17 4.51 -40.16 32.08
CA GLN C 17 3.38 -40.06 31.17
C GLN C 17 3.15 -38.61 30.82
N ARG C 18 3.00 -38.32 29.53
CA ARG C 18 2.80 -36.94 29.09
C ARG C 18 1.38 -36.51 29.44
N ALA C 19 1.24 -35.24 29.83
CA ALA C 19 -0.04 -34.68 30.26
C ALA C 19 -0.53 -33.69 29.23
N THR C 20 -1.75 -33.90 28.75
CA THR C 20 -2.34 -33.04 27.72
C THR C 20 -3.43 -32.17 28.36
N ILE C 21 -3.30 -30.87 28.20
CA ILE C 21 -4.27 -29.90 28.69
C ILE C 21 -4.84 -29.15 27.49
N SER C 22 -6.16 -29.06 27.42
CA SER C 22 -6.85 -28.48 26.27
C SER C 22 -7.41 -27.11 26.61
N CYS C 23 -7.57 -26.29 25.57
CA CYS C 23 -8.16 -24.97 25.69
C CYS C 23 -9.18 -24.80 24.58
N ARG C 24 -10.23 -24.02 24.86
CA ARG C 24 -11.34 -23.87 23.93
C ARG C 24 -11.79 -22.41 23.98
N ALA C 25 -11.49 -21.66 22.93
CA ALA C 25 -11.85 -20.24 22.84
C ALA C 25 -13.16 -20.11 22.06
N SER C 26 -14.10 -19.32 22.61
CA SER C 26 -15.37 -19.13 21.93
C SER C 26 -15.17 -18.57 20.53
N GLU C 27 -14.26 -17.61 20.37
CA GLU C 27 -13.89 -17.07 19.08
C GLU C 27 -12.44 -17.41 18.77
N SER C 28 -12.07 -17.24 17.49
CA SER C 28 -10.68 -17.51 17.02
C SER C 28 -9.76 -16.42 17.60
N VAL C 29 -8.67 -16.79 18.26
CA VAL C 29 -7.71 -15.87 18.84
C VAL C 29 -6.60 -15.49 17.86
N ASP C 30 -6.67 -15.96 16.62
CA ASP C 30 -5.62 -15.68 15.64
C ASP C 30 -5.80 -14.29 15.04
N ASN C 31 -4.68 -13.64 14.76
CA ASN C 31 -4.69 -12.33 14.12
C ASN C 31 -3.30 -12.05 13.58
N TYR C 32 -3.22 -11.71 12.29
CA TYR C 32 -1.94 -11.46 11.63
C TYR C 32 -1.03 -12.68 11.73
N GLY C 33 -1.62 -13.88 11.67
CA GLY C 33 -0.85 -15.09 11.70
C GLY C 33 -0.30 -15.48 13.06
N ILE C 34 -0.67 -14.74 14.12
CA ILE C 34 -0.12 -14.94 15.49
C ILE C 34 -1.27 -15.39 16.40
N SER C 35 -1.40 -16.69 16.70
CA SER C 35 -2.41 -17.19 17.67
C SER C 35 -2.16 -16.45 18.98
N PHE C 36 -3.04 -15.52 19.40
CA PHE C 36 -2.88 -14.74 20.66
C PHE C 36 -3.37 -15.62 21.82
N LEU C 37 -2.54 -16.55 22.31
CA LEU C 37 -2.90 -17.45 23.40
C LEU C 37 -1.62 -17.93 24.07
N ASN C 38 -1.40 -17.50 25.31
CA ASN C 38 -0.25 -17.91 26.09
C ASN C 38 -0.67 -18.93 27.14
N TRP C 39 0.29 -19.76 27.55
CA TRP C 39 0.12 -20.71 28.63
C TRP C 39 1.00 -20.33 29.80
N PHE C 40 0.44 -20.42 31.00
CA PHE C 40 1.13 -20.05 32.23
C PHE C 40 1.14 -21.25 33.18
N GLN C 41 2.09 -21.24 34.10
CA GLN C 41 2.19 -22.25 35.14
C GLN C 41 2.48 -21.55 36.45
N GLN C 42 1.78 -21.97 37.50
CA GLN C 42 1.81 -21.28 38.80
C GLN C 42 2.02 -22.31 39.90
N LYS C 43 3.17 -22.24 40.56
CA LYS C 43 3.41 -23.06 41.73
C LYS C 43 2.59 -22.56 42.91
N PRO C 44 2.37 -23.39 43.93
CA PRO C 44 1.66 -22.93 45.12
C PRO C 44 2.36 -21.75 45.75
N GLY C 45 1.65 -20.63 45.84
CA GLY C 45 2.21 -19.43 46.46
C GLY C 45 3.39 -18.85 45.71
N GLN C 46 3.32 -18.79 44.39
CA GLN C 46 4.35 -18.19 43.57
C GLN C 46 3.68 -17.45 42.41
N PRO C 47 4.34 -16.43 41.87
CA PRO C 47 3.77 -15.75 40.70
C PRO C 47 3.69 -16.69 39.52
N PRO C 48 2.71 -16.50 38.63
CA PRO C 48 2.64 -17.34 37.43
C PRO C 48 3.84 -17.17 36.52
N LYS C 49 4.64 -18.22 36.38
CA LYS C 49 5.77 -18.24 35.46
C LYS C 49 5.29 -18.58 34.06
N LEU C 50 5.53 -17.66 33.12
CA LEU C 50 5.13 -17.88 31.74
C LEU C 50 5.77 -19.15 31.19
N LEU C 51 4.99 -19.92 30.43
CA LEU C 51 5.43 -21.19 29.87
C LEU C 51 5.54 -21.13 28.35
N ILE C 52 4.47 -20.73 27.67
CA ILE C 52 4.40 -20.68 26.23
C ILE C 52 3.79 -19.34 25.83
N TYR C 53 4.26 -18.78 24.72
CA TYR C 53 3.67 -17.57 24.16
C TYR C 53 3.38 -17.80 22.69
N ALA C 54 2.29 -17.22 22.21
CA ALA C 54 1.76 -17.42 20.86
C ALA C 54 1.23 -18.83 20.65
N ALA C 55 1.08 -19.61 21.73
CA ALA C 55 0.48 -20.94 21.70
C ALA C 55 1.41 -21.99 21.10
N SER C 56 2.55 -21.57 20.55
CA SER C 56 3.53 -22.51 20.05
C SER C 56 4.97 -22.18 20.42
N ASN C 57 5.32 -20.92 20.67
CA ASN C 57 6.71 -20.55 20.91
C ASN C 57 7.07 -20.78 22.37
N GLN C 58 8.27 -21.31 22.58
CA GLN C 58 8.71 -21.64 23.93
C GLN C 58 9.00 -20.38 24.73
N GLY C 59 8.72 -20.45 26.04
CA GLY C 59 8.94 -19.31 26.91
C GLY C 59 10.41 -19.01 27.09
N SER C 60 10.74 -18.20 28.09
CA SER C 60 12.11 -17.83 28.40
C SER C 60 12.59 -18.62 29.62
N GLY C 61 13.69 -19.36 29.45
CA GLY C 61 14.20 -20.17 30.53
C GLY C 61 13.23 -21.24 30.97
N VAL C 62 12.65 -21.94 30.00
CA VAL C 62 11.65 -22.97 30.26
C VAL C 62 12.10 -24.28 29.63
N PRO C 63 11.92 -25.43 30.28
CA PRO C 63 12.42 -26.69 29.72
C PRO C 63 11.74 -27.02 28.40
N ALA C 64 12.49 -27.74 27.54
CA ALA C 64 11.93 -28.23 26.29
C ALA C 64 10.74 -29.17 26.52
N ARG C 65 10.61 -29.72 27.73
CA ARG C 65 9.48 -30.57 28.06
C ARG C 65 8.16 -29.90 27.71
N PHE C 66 7.98 -28.67 28.20
CA PHE C 66 6.75 -27.93 27.95
C PHE C 66 6.65 -27.57 26.47
N SER C 67 5.62 -28.08 25.81
CA SER C 67 5.38 -27.81 24.40
C SER C 67 3.92 -27.46 24.18
N GLY C 68 3.68 -26.40 23.42
CA GLY C 68 2.33 -25.95 23.09
C GLY C 68 2.07 -26.12 21.61
N SER C 69 0.82 -26.41 21.27
CA SER C 69 0.42 -26.64 19.88
C SER C 69 -1.00 -26.13 19.71
N GLY C 70 -1.55 -26.35 18.51
CA GLY C 70 -2.90 -25.93 18.21
C GLY C 70 -2.96 -24.52 17.64
N SER C 71 -3.99 -24.26 16.84
CA SER C 71 -4.19 -22.95 16.21
C SER C 71 -5.69 -22.74 15.98
N GLY C 72 -6.14 -21.48 15.93
CA GLY C 72 -7.52 -21.15 15.67
C GLY C 72 -8.34 -21.01 16.94
N THR C 73 -9.10 -22.05 17.25
CA THR C 73 -9.96 -22.07 18.43
C THR C 73 -9.58 -23.14 19.44
N TYR C 74 -8.88 -24.19 19.03
CA TYR C 74 -8.49 -25.27 19.92
C TYR C 74 -6.98 -25.28 20.08
N PHE C 75 -6.54 -25.27 21.34
CA PHE C 75 -5.11 -25.27 21.66
C PHE C 75 -4.83 -26.35 22.69
N SER C 76 -3.58 -26.79 22.72
CA SER C 76 -3.16 -27.83 23.66
C SER C 76 -1.81 -27.45 24.24
N LEU C 77 -1.54 -27.98 25.43
CA LEU C 77 -0.26 -27.83 26.11
C LEU C 77 0.20 -29.25 26.47
N ASN C 78 0.85 -29.91 25.52
CA ASN C 78 1.31 -31.28 25.71
C ASN C 78 2.65 -31.22 26.43
N ILE C 79 2.63 -31.52 27.73
CA ILE C 79 3.83 -31.52 28.55
C ILE C 79 4.48 -32.89 28.40
N HIS C 80 5.67 -32.91 27.83
CA HIS C 80 6.46 -34.15 27.71
C HIS C 80 6.50 -34.83 29.07
N PRO C 81 6.87 -36.13 29.12
CA PRO C 81 6.67 -36.91 30.35
C PRO C 81 6.93 -36.13 31.64
N MET C 82 5.91 -36.08 32.49
CA MET C 82 5.88 -35.20 33.65
C MET C 82 6.84 -35.70 34.73
N GLU C 83 7.18 -34.82 35.66
CA GLU C 83 7.99 -35.18 36.81
C GLU C 83 7.49 -34.41 38.04
N GLU C 84 8.14 -34.66 39.18
CA GLU C 84 7.64 -34.17 40.47
C GLU C 84 7.73 -32.67 40.62
N ASP C 85 8.62 -32.00 39.89
CA ASP C 85 8.91 -30.60 40.13
C ASP C 85 8.02 -29.65 39.34
N ASP C 86 7.01 -30.17 38.64
CA ASP C 86 6.14 -29.34 37.81
C ASP C 86 4.66 -29.64 38.05
N THR C 87 4.32 -30.12 39.25
CA THR C 87 2.92 -30.31 39.62
C THR C 87 2.37 -28.97 40.06
N ALA C 88 1.73 -28.26 39.12
CA ALA C 88 1.33 -26.89 39.32
C ALA C 88 -0.06 -26.69 38.70
N VAL C 89 -0.45 -25.42 38.57
CA VAL C 89 -1.71 -25.03 37.95
C VAL C 89 -1.38 -24.31 36.66
N TYR C 90 -1.89 -24.83 35.55
CA TYR C 90 -1.61 -24.26 34.23
C TYR C 90 -2.84 -23.48 33.75
N PHE C 91 -2.63 -22.23 33.38
CA PHE C 91 -3.70 -21.35 32.96
C PHE C 91 -3.59 -21.05 31.47
N CYS C 92 -4.73 -20.78 30.86
CA CYS C 92 -4.84 -20.50 29.42
C CYS C 92 -5.35 -19.08 29.27
N GLN C 93 -4.50 -18.18 28.79
CA GLN C 93 -4.87 -16.78 28.60
C GLN C 93 -4.89 -16.45 27.11
N GLN C 94 -5.92 -15.71 26.70
CA GLN C 94 -6.02 -15.17 25.35
C GLN C 94 -5.81 -13.67 25.40
N THR C 95 -4.95 -13.15 24.53
CA THR C 95 -4.62 -11.74 24.49
C THR C 95 -5.19 -11.07 23.24
N LYS C 96 -6.27 -11.60 22.69
CA LYS C 96 -6.98 -10.99 21.57
C LYS C 96 -8.31 -10.44 22.08
N GLY C 97 -8.56 -9.17 21.79
CA GLY C 97 -9.76 -8.50 22.23
C GLY C 97 -9.44 -7.38 23.22
N VAL C 98 -10.47 -6.56 23.46
CA VAL C 98 -10.29 -5.42 24.36
C VAL C 98 -9.91 -5.90 25.75
N SER C 99 -10.58 -6.92 26.25
CA SER C 99 -10.35 -7.45 27.59
C SER C 99 -9.78 -8.86 27.48
N TRP C 100 -8.51 -9.00 27.86
CA TRP C 100 -7.87 -10.30 27.91
C TRP C 100 -8.35 -11.06 29.12
N THR C 101 -8.60 -12.37 28.95
CA THR C 101 -9.16 -13.18 30.00
C THR C 101 -8.35 -14.45 30.19
N PHE C 102 -8.28 -14.92 31.42
CA PHE C 102 -7.61 -16.17 31.75
C PHE C 102 -8.58 -17.33 31.61
N GLY C 103 -8.04 -18.54 31.70
CA GLY C 103 -8.83 -19.75 31.65
C GLY C 103 -9.29 -20.19 33.03
N GLY C 104 -9.99 -21.32 33.05
CA GLY C 104 -10.47 -21.87 34.30
C GLY C 104 -9.37 -22.41 35.20
N GLY C 105 -8.22 -22.74 34.63
CA GLY C 105 -7.15 -23.36 35.40
C GLY C 105 -7.23 -24.87 35.38
N THR C 106 -6.06 -25.50 35.58
CA THR C 106 -5.96 -26.95 35.51
C THR C 106 -4.84 -27.40 36.43
N LYS C 107 -5.21 -27.86 37.63
CA LYS C 107 -4.22 -28.43 38.53
C LYS C 107 -3.76 -29.80 38.01
N VAL C 108 -2.48 -30.09 38.20
CA VAL C 108 -1.88 -31.34 37.77
C VAL C 108 -1.23 -32.00 38.99
N GLU C 109 -1.23 -33.33 39.00
CA GLU C 109 -0.75 -34.08 40.15
C GLU C 109 -0.52 -35.52 39.72
N ILE C 110 0.29 -36.22 40.52
CA ILE C 110 0.60 -37.62 40.27
C ILE C 110 -0.65 -38.47 40.48
#